data_8TU9
#
_entry.id   8TU9
#
_cell.length_a   1.00
_cell.length_b   1.00
_cell.length_c   1.00
_cell.angle_alpha   90.00
_cell.angle_beta   90.00
_cell.angle_gamma   90.00
#
_symmetry.space_group_name_H-M   'P 1'
#
loop_
_entity.id
_entity.type
_entity.pdbx_description
1 polymer 'Enhanced green fluorescent protein,Heparan-alpha-glucosaminide N-acetyltransferase,Isoform 2 of Heparan-alpha-glucosaminide N-acetyltransferase'
2 non-polymer 'ACETYL COENZYME *A'
3 non-polymer 2-acetamido-2-deoxy-beta-D-glucopyranose
#
_entity_poly.entity_id   1
_entity_poly.type   'polypeptide(L)'
_entity_poly.pdbx_seq_one_letter_code
;MWSHPQFEKGSGVSKGEELFTGVVPILVELDGDVNGHKFSVSGEGEGDATYGKLTLKFICTTGKLPVPWPTLVTTLTYGV
QCFSRYPDHMKQHDFFKSAMPEGYVQERTIFFKDDGNYKTRAEVKFEGDTLVNRIELKGIDFKEDGNILGHKLEYNYNSH
NVYIMADKQKNGIKVNFKIRHNIEDGSVQLADHYQQNTPIGDGPVLLPDNHYLSTQSKLSKDPNEKRDHMVLLEFVTAAG
ITLGMDELYKSGLRSGLEVLFQGPEFEFMSGAGRALAALLLAASVLSAALLAPGGSSGRDAQAAPPRDLDKKRHAELKMD
QALLLIHNELLWTNLTVYWKSECCYHCLFQVLVNVPQSPKAGKPSAAAASVSTQHGSILQLNDTLEEKEVCRLEYRFGEF
GNYSLLVKNIHNGVSEIACDLAVNEDPVDSNLPVSIAFLIGLAVIIVISFLRLLLSLDDFNNWISKAISSRETDRLINSE
LGSPSRTDPLDGDVQPATWRLSALPPRLRSVDTFRGIALILMVFVNYGGGKYWYFKHASWNGLTVADLVFPWFVFIMGSS
IFLSMTSILQRGCSKFRLLGKIAWRSFLLICIGIIIVNPNYCLGPLSWDKVRIPGVLQRLGVTYFVVAVLELLFAKPVPE
HCASERSCLSLRDITSSWPQWLLILVLEGLWLGLTFLLPVPGCPTGYLGPGGIGDFGKYPNCTGGAAGYIDRLLLGDDHL
YQHPSSAVLYHTEVAYDPEGILGTINSIVMAFLGVQAGKILLYYKARTKDILIRFTAWCCILGLISVALTKVSENEGFIP
VNKNLWSLSYVTTLSSFAFFILLVLYPVVDVKGLWTGTPFFYPGMNSILVYVGHEVFENYFPFQWKLKDNQSHKEHLTQN
IVATALWVLIAYILYRKKIFWKI
;
_entity_poly.pdbx_strand_id   A,B
#
# COMPACT_ATOMS: atom_id res chain seq x y z
N LEU A 317 21.94 7.70 -23.36
CA LEU A 317 20.78 7.80 -24.23
C LEU A 317 19.58 7.07 -23.64
N LYS A 318 18.50 7.81 -23.42
CA LYS A 318 17.30 7.32 -22.76
C LYS A 318 16.28 6.96 -23.83
N MET A 319 15.08 6.56 -23.39
CA MET A 319 14.02 6.21 -24.32
C MET A 319 13.61 7.38 -25.20
N ASP A 320 13.35 7.06 -26.48
CA ASP A 320 12.91 7.99 -27.52
C ASP A 320 13.86 9.18 -27.63
N GLN A 321 15.12 8.86 -27.92
CA GLN A 321 16.15 9.87 -28.12
C GLN A 321 17.14 9.36 -29.16
N ALA A 322 17.98 10.28 -29.63
CA ALA A 322 18.94 9.99 -30.68
C ALA A 322 20.06 11.00 -30.61
N LEU A 323 21.28 10.54 -30.40
CA LEU A 323 22.40 11.45 -30.23
C LEU A 323 22.72 12.11 -31.57
N LEU A 324 22.70 13.44 -31.58
CA LEU A 324 22.98 14.24 -32.76
C LEU A 324 24.19 15.11 -32.43
N LEU A 325 25.33 14.77 -33.01
CA LEU A 325 26.53 15.58 -32.90
C LEU A 325 26.72 16.41 -34.16
N ILE A 326 26.99 17.70 -33.98
CA ILE A 326 27.01 18.70 -35.05
C ILE A 326 28.45 19.12 -35.29
N HIS A 327 28.84 19.18 -36.55
CA HIS A 327 30.17 19.66 -36.95
C HIS A 327 29.96 20.93 -37.78
N ASN A 328 30.61 22.02 -37.36
CA ASN A 328 30.56 23.30 -38.04
C ASN A 328 31.97 23.67 -38.48
N GLU A 329 32.12 24.11 -39.73
CA GLU A 329 33.44 24.36 -40.30
C GLU A 329 33.75 25.81 -40.60
N LEU A 330 32.72 26.66 -40.78
CA LEU A 330 32.82 28.10 -41.09
C LEU A 330 33.87 28.81 -40.23
N LEU A 331 34.55 29.81 -40.78
CA LEU A 331 35.64 30.44 -40.03
C LEU A 331 35.13 31.30 -38.88
N TRP A 332 34.31 32.31 -39.15
CA TRP A 332 33.91 33.23 -38.08
C TRP A 332 32.40 33.43 -38.06
N THR A 333 31.67 32.46 -37.49
CA THR A 333 30.23 32.56 -37.26
C THR A 333 29.91 31.65 -36.06
N ASN A 334 29.66 32.24 -34.90
CA ASN A 334 29.35 31.41 -33.74
C ASN A 334 27.86 31.09 -33.84
N LEU A 335 27.51 29.82 -33.69
CA LEU A 335 26.21 29.33 -34.16
C LEU A 335 25.30 28.98 -32.99
N THR A 336 23.99 29.15 -33.21
CA THR A 336 22.94 28.70 -32.30
C THR A 336 22.05 27.70 -33.03
N VAL A 337 21.72 26.61 -32.35
CA VAL A 337 20.84 25.60 -32.91
C VAL A 337 19.56 25.64 -32.09
N TYR A 338 18.43 25.74 -32.78
CA TYR A 338 17.13 25.80 -32.14
C TYR A 338 16.36 24.51 -32.39
N TRP A 339 15.24 24.33 -31.69
CA TRP A 339 14.46 23.11 -31.81
C TRP A 339 12.99 23.38 -31.54
N LYS A 340 12.13 22.64 -32.25
CA LYS A 340 10.68 22.62 -32.02
C LYS A 340 10.11 21.39 -32.70
N SER A 341 9.23 20.67 -32.00
CA SER A 341 8.64 19.45 -32.54
C SER A 341 7.60 19.78 -33.61
N GLU A 342 7.18 18.75 -34.34
CA GLU A 342 6.29 18.96 -35.48
C GLU A 342 4.82 18.92 -35.09
N CYS A 343 4.52 18.34 -33.93
CA CYS A 343 3.13 18.22 -33.48
C CYS A 343 2.67 19.40 -32.63
N CYS A 344 3.60 20.11 -31.99
CA CYS A 344 3.26 21.16 -31.03
C CYS A 344 2.67 22.36 -31.78
N TYR A 345 1.58 22.93 -31.25
CA TYR A 345 0.75 23.89 -31.97
C TYR A 345 1.03 25.32 -31.51
N HIS A 346 1.51 26.16 -32.43
CA HIS A 346 1.93 27.55 -32.21
C HIS A 346 2.91 27.67 -31.03
N CYS A 347 4.07 27.05 -31.24
CA CYS A 347 5.09 26.93 -30.22
C CYS A 347 6.36 27.67 -30.61
N LEU A 348 6.99 28.32 -29.63
CA LEU A 348 8.17 29.13 -29.86
C LEU A 348 9.38 28.22 -29.97
N PHE A 349 10.50 28.79 -30.44
CA PHE A 349 11.73 28.03 -30.58
C PHE A 349 12.59 28.18 -29.33
N GLN A 350 12.92 27.07 -28.68
CA GLN A 350 13.82 27.12 -27.53
C GLN A 350 15.24 26.83 -28.03
N VAL A 351 16.18 26.54 -27.13
CA VAL A 351 17.58 26.33 -27.53
C VAL A 351 17.93 24.86 -27.40
N LEU A 352 18.83 24.37 -28.26
CA LEU A 352 19.35 23.02 -28.16
C LEU A 352 20.84 22.93 -27.81
N VAL A 353 21.71 23.65 -28.54
CA VAL A 353 23.16 23.62 -28.31
C VAL A 353 23.76 24.90 -28.90
N ASN A 354 24.88 25.37 -28.33
CA ASN A 354 25.57 26.51 -28.93
C ASN A 354 26.98 26.15 -29.40
N VAL A 355 27.15 25.74 -30.65
CA VAL A 355 28.45 25.22 -31.11
C VAL A 355 29.48 26.36 -31.09
N PRO A 356 30.77 26.11 -30.89
CA PRO A 356 31.75 27.19 -30.85
C PRO A 356 32.34 27.46 -32.24
N GLN A 357 33.00 28.61 -32.35
CA GLN A 357 33.53 29.06 -33.65
C GLN A 357 34.74 28.20 -33.99
N SER A 358 35.04 28.03 -35.31
CA SER A 358 36.27 27.35 -35.72
C SER A 358 37.49 28.05 -35.16
N PRO A 359 38.23 27.38 -34.27
CA PRO A 359 39.38 28.03 -33.63
C PRO A 359 40.57 28.19 -34.56
N LYS A 360 40.83 27.19 -35.40
CA LYS A 360 41.95 27.21 -36.33
C LYS A 360 41.48 26.77 -37.71
N ALA A 361 42.34 27.02 -38.70
CA ALA A 361 42.03 26.70 -40.08
C ALA A 361 42.05 25.20 -40.31
N GLY A 362 40.95 24.67 -40.83
CA GLY A 362 40.87 23.26 -41.15
C GLY A 362 40.65 22.34 -39.97
N LYS A 363 40.31 22.88 -38.80
CA LYS A 363 40.08 22.09 -37.59
C LYS A 363 38.71 22.46 -37.03
N PRO A 364 37.64 21.85 -37.55
CA PRO A 364 36.29 22.30 -37.19
C PRO A 364 35.91 21.94 -35.75
N SER A 365 35.12 22.82 -35.14
CA SER A 365 34.61 22.58 -33.79
C SER A 365 33.37 21.68 -33.81
N ALA A 366 33.15 20.99 -32.69
CA ALA A 366 32.07 20.01 -32.61
C ALA A 366 31.33 20.12 -31.29
N ALA A 367 30.06 19.72 -31.31
CA ALA A 367 29.20 19.75 -30.14
C ALA A 367 28.31 18.51 -30.14
N ALA A 368 27.72 18.21 -28.98
CA ALA A 368 26.87 17.05 -28.79
C ALA A 368 25.49 17.48 -28.29
N ALA A 369 24.45 16.83 -28.77
CA ALA A 369 23.09 17.10 -28.30
C ALA A 369 22.22 15.86 -28.53
N SER A 370 21.04 15.87 -27.93
CA SER A 370 20.07 14.78 -28.03
C SER A 370 18.72 15.29 -28.54
N VAL A 371 18.16 14.61 -29.52
CA VAL A 371 16.88 14.99 -30.11
C VAL A 371 15.87 13.85 -29.92
N SER A 372 14.64 14.22 -29.55
CA SER A 372 13.60 13.22 -29.30
C SER A 372 13.08 12.67 -30.62
N THR A 373 12.75 11.37 -30.61
CA THR A 373 12.31 10.68 -31.81
C THR A 373 10.83 10.32 -31.80
N GLN A 374 10.07 10.77 -30.80
CA GLN A 374 8.65 10.44 -30.74
C GLN A 374 7.87 11.08 -31.89
N HIS A 375 8.18 12.32 -32.21
CA HIS A 375 7.61 13.03 -33.36
C HIS A 375 8.70 13.74 -34.12
N GLY A 376 8.37 14.19 -35.33
CA GLY A 376 9.33 14.82 -36.21
C GLY A 376 9.91 16.10 -35.64
N SER A 377 11.07 16.48 -36.15
CA SER A 377 11.84 17.59 -35.60
C SER A 377 12.06 18.66 -36.66
N ILE A 378 12.03 19.92 -36.21
CA ILE A 378 12.37 21.08 -37.01
C ILE A 378 13.57 21.73 -36.35
N LEU A 379 14.68 21.80 -37.09
CA LEU A 379 15.93 22.30 -36.52
C LEU A 379 16.37 23.54 -37.30
N GLN A 380 16.65 24.61 -36.57
CA GLN A 380 17.02 25.89 -37.16
C GLN A 380 18.37 26.36 -36.64
N LEU A 381 19.21 26.85 -37.55
CA LEU A 381 20.49 27.45 -37.21
C LEU A 381 20.27 28.93 -37.47
N ASN A 382 20.65 29.80 -36.52
CA ASN A 382 20.24 31.17 -36.75
C ASN A 382 21.36 32.20 -36.55
N ASP A 383 22.60 31.75 -36.25
CA ASP A 383 23.85 32.47 -35.93
C ASP A 383 23.71 33.09 -34.53
N THR A 384 24.70 33.83 -34.02
CA THR A 384 24.58 34.46 -32.71
C THR A 384 24.54 35.98 -32.80
N LEU A 385 25.41 36.56 -33.62
CA LEU A 385 25.54 38.01 -33.71
C LEU A 385 24.40 38.62 -34.50
N GLU A 386 23.95 37.92 -35.55
CA GLU A 386 22.99 38.43 -36.50
C GLU A 386 21.70 37.62 -36.44
N GLU A 387 20.87 37.73 -37.48
CA GLU A 387 19.58 37.06 -37.51
C GLU A 387 19.35 36.20 -38.75
N LYS A 388 20.08 36.44 -39.84
CA LYS A 388 19.93 35.67 -41.08
C LYS A 388 20.09 34.17 -40.83
N GLU A 389 19.09 33.39 -41.24
CA GLU A 389 19.07 31.97 -40.93
C GLU A 389 20.11 31.27 -41.80
N VAL A 390 21.10 30.62 -41.18
CA VAL A 390 22.12 29.92 -41.95
C VAL A 390 21.54 28.74 -42.72
N CYS A 391 20.76 27.89 -42.04
CA CYS A 391 20.01 26.79 -42.66
C CYS A 391 18.87 26.36 -41.75
N ARG A 392 17.95 25.62 -42.36
CA ARG A 392 16.85 24.94 -41.69
C ARG A 392 16.72 23.57 -42.34
N LEU A 393 16.51 22.53 -41.53
CA LEU A 393 16.05 21.25 -42.08
C LEU A 393 14.95 20.68 -41.21
N GLU A 394 14.02 20.01 -41.87
CA GLU A 394 12.89 19.32 -41.24
C GLU A 394 12.99 17.85 -41.57
N TYR A 395 13.13 17.00 -40.55
CA TYR A 395 13.33 15.58 -40.85
C TYR A 395 12.87 14.84 -39.59
N ARG A 396 12.79 13.51 -39.69
CA ARG A 396 12.34 12.62 -38.63
C ARG A 396 13.50 11.71 -38.24
N PHE A 397 13.74 11.58 -36.94
CA PHE A 397 14.90 10.84 -36.43
C PHE A 397 14.44 9.52 -35.81
N GLY A 398 15.26 8.48 -35.99
CA GLY A 398 14.99 7.21 -35.35
C GLY A 398 15.73 7.04 -34.03
N GLU A 399 15.27 6.07 -33.24
CA GLU A 399 15.79 5.84 -31.90
C GLU A 399 17.21 5.24 -31.93
N PHE A 400 18.05 5.67 -30.96
CA PHE A 400 19.44 5.22 -30.75
C PHE A 400 20.30 5.21 -32.01
N GLY A 401 20.34 6.35 -32.69
CA GLY A 401 21.15 6.47 -33.89
C GLY A 401 22.20 7.56 -33.91
N ASN A 402 23.47 7.22 -34.15
CA ASN A 402 24.42 8.28 -34.52
C ASN A 402 24.06 9.00 -35.81
N TYR A 403 23.58 10.22 -35.71
CA TYR A 403 23.38 11.04 -36.90
C TYR A 403 24.44 12.12 -36.87
N SER A 404 24.83 12.59 -38.05
CA SER A 404 25.92 13.54 -38.18
C SER A 404 25.50 14.69 -39.09
N LEU A 405 25.35 15.88 -38.51
CA LEU A 405 24.99 17.07 -39.27
C LEU A 405 26.24 17.88 -39.53
N LEU A 406 26.47 18.18 -40.80
CA LEU A 406 27.62 18.96 -41.25
C LEU A 406 27.11 20.22 -41.90
N VAL A 407 27.59 21.37 -41.45
CA VAL A 407 27.32 22.65 -42.09
C VAL A 407 28.65 23.18 -42.62
N LYS A 408 28.68 23.55 -43.89
CA LYS A 408 29.92 23.89 -44.56
C LYS A 408 29.68 25.12 -45.43
N ASN A 409 30.69 25.47 -46.23
CA ASN A 409 30.63 26.58 -47.16
C ASN A 409 30.87 26.06 -48.57
N ILE A 410 30.06 26.53 -49.51
CA ILE A 410 30.12 26.07 -50.89
C ILE A 410 31.07 26.98 -51.65
N HIS A 411 32.11 26.39 -52.26
CA HIS A 411 33.14 27.18 -52.92
C HIS A 411 32.66 27.77 -54.25
N ASN A 412 31.77 27.07 -54.95
CA ASN A 412 31.42 27.44 -56.32
C ASN A 412 30.59 28.71 -56.36
N GLY A 413 30.94 29.60 -57.29
CA GLY A 413 30.18 30.81 -57.54
C GLY A 413 30.21 31.78 -56.37
N VAL A 414 29.04 32.33 -56.06
CA VAL A 414 28.90 33.19 -54.89
C VAL A 414 29.02 32.35 -53.61
N SER A 415 29.34 33.04 -52.52
CA SER A 415 29.43 32.36 -51.22
C SER A 415 28.06 31.89 -50.79
N GLU A 416 27.96 30.62 -50.43
CA GLU A 416 26.71 29.99 -50.08
C GLU A 416 26.95 29.01 -48.94
N ILE A 417 25.89 28.75 -48.19
CA ILE A 417 25.97 27.93 -47.00
C ILE A 417 25.00 26.77 -47.19
N ALA A 418 25.51 25.54 -47.09
CA ALA A 418 24.69 24.36 -47.29
C ALA A 418 24.90 23.37 -46.15
N CYS A 419 23.87 22.58 -45.86
CA CYS A 419 23.87 21.60 -44.78
C CYS A 419 23.59 20.21 -45.32
N ASP A 420 24.43 19.26 -44.96
CA ASP A 420 24.25 17.86 -45.34
C ASP A 420 24.23 16.99 -44.10
N LEU A 421 23.26 16.10 -44.01
CA LEU A 421 23.09 15.20 -42.88
C LEU A 421 23.32 13.77 -43.34
N ALA A 422 24.24 13.06 -42.67
CA ALA A 422 24.61 11.71 -43.04
C ALA A 422 24.39 10.78 -41.85
N VAL A 423 23.79 9.62 -42.10
CA VAL A 423 23.54 8.67 -41.03
C VAL A 423 24.80 7.83 -40.81
N ASN A 424 25.30 7.83 -39.58
CA ASN A 424 26.45 6.98 -39.27
C ASN A 424 26.00 5.58 -38.86
N GLU A 425 25.21 5.48 -37.80
CA GLU A 425 24.60 4.23 -37.37
C GLU A 425 23.09 4.27 -37.64
N ASP A 426 22.56 3.22 -38.26
CA ASP A 426 21.12 3.17 -38.50
C ASP A 426 20.34 3.01 -37.19
N PRO A 427 19.13 3.55 -37.12
CA PRO A 427 18.32 3.45 -35.90
C PRO A 427 17.73 2.05 -35.75
N VAL A 428 16.95 1.87 -34.68
CA VAL A 428 16.30 0.62 -34.38
C VAL A 428 14.78 0.80 -34.48
N ASP A 429 14.15 -0.07 -35.26
CA ASP A 429 12.70 -0.06 -35.41
C ASP A 429 12.01 -0.48 -34.10
N SER A 430 10.97 0.26 -33.72
CA SER A 430 10.38 0.18 -32.39
C SER A 430 8.96 -0.40 -32.35
N ASN A 431 8.36 -0.77 -33.49
CA ASN A 431 7.02 -1.33 -33.47
C ASN A 431 7.03 -2.85 -33.63
N LEU A 432 8.23 -3.43 -33.71
CA LEU A 432 8.37 -4.89 -33.77
C LEU A 432 7.77 -5.65 -32.59
N PRO A 433 7.93 -5.26 -31.31
CA PRO A 433 7.24 -6.02 -30.24
C PRO A 433 5.73 -5.97 -30.30
N VAL A 434 5.15 -4.84 -30.72
CA VAL A 434 3.71 -4.74 -30.89
C VAL A 434 3.24 -5.68 -32.00
N SER A 435 3.97 -5.69 -33.13
CA SER A 435 3.66 -6.60 -34.23
C SER A 435 3.76 -8.06 -33.79
N ILE A 436 4.85 -8.42 -33.10
CA ILE A 436 5.07 -9.79 -32.65
C ILE A 436 3.97 -10.22 -31.68
N ALA A 437 3.62 -9.34 -30.73
CA ALA A 437 2.59 -9.66 -29.74
C ALA A 437 1.24 -9.87 -30.40
N PHE A 438 0.92 -9.09 -31.44
CA PHE A 438 -0.43 -9.17 -31.97
C PHE A 438 -0.55 -10.38 -32.91
N LEU A 439 0.54 -10.73 -33.62
CA LEU A 439 0.57 -12.01 -34.33
C LEU A 439 0.52 -13.21 -33.39
N ILE A 440 1.21 -13.16 -32.25
CA ILE A 440 1.15 -14.28 -31.31
C ILE A 440 -0.25 -14.41 -30.71
N GLY A 441 -0.92 -13.28 -30.47
CA GLY A 441 -2.32 -13.34 -30.04
C GLY A 441 -3.24 -13.95 -31.10
N LEU A 442 -3.02 -13.60 -32.37
CA LEU A 442 -3.80 -14.21 -33.45
C LEU A 442 -3.53 -15.71 -33.57
N ALA A 443 -2.26 -16.11 -33.40
CA ALA A 443 -1.92 -17.54 -33.47
C ALA A 443 -2.52 -18.32 -32.30
N VAL A 444 -2.55 -17.72 -31.11
CA VAL A 444 -3.18 -18.35 -29.96
C VAL A 444 -4.68 -18.48 -30.17
N ILE A 445 -5.30 -17.48 -30.79
CA ILE A 445 -6.73 -17.57 -31.12
C ILE A 445 -6.98 -18.66 -32.15
N ILE A 446 -6.07 -18.80 -33.13
CA ILE A 446 -6.22 -19.83 -34.15
C ILE A 446 -6.04 -21.23 -33.57
N VAL A 447 -5.15 -21.38 -32.60
CA VAL A 447 -4.98 -22.66 -31.91
C VAL A 447 -6.19 -22.96 -31.04
N ILE A 448 -6.75 -21.93 -30.39
CA ILE A 448 -7.88 -22.12 -29.49
C ILE A 448 -9.15 -22.50 -30.24
N SER A 449 -9.35 -21.95 -31.44
CA SER A 449 -10.57 -22.18 -32.21
C SER A 449 -10.68 -23.63 -32.67
N PHE A 450 -9.58 -24.24 -33.09
CA PHE A 450 -9.60 -25.62 -33.56
C PHE A 450 -8.47 -26.42 -32.93
N PRO A 505 -35.80 -12.10 -13.01
CA PRO A 505 -35.00 -10.93 -13.41
C PRO A 505 -33.72 -11.31 -14.14
N PRO A 506 -33.81 -11.62 -15.44
CA PRO A 506 -32.62 -12.01 -16.19
C PRO A 506 -31.64 -10.86 -16.39
N ARG A 507 -30.37 -11.20 -16.49
CA ARG A 507 -29.32 -10.25 -16.81
C ARG A 507 -29.07 -10.25 -18.32
N LEU A 508 -28.51 -9.15 -18.80
CA LEU A 508 -28.22 -8.98 -20.22
C LEU A 508 -26.74 -9.15 -20.47
N ARG A 509 -26.40 -10.01 -21.43
CA ARG A 509 -25.01 -10.40 -21.64
C ARG A 509 -24.20 -9.31 -22.34
N SER A 510 -24.83 -8.56 -23.25
CA SER A 510 -24.11 -7.61 -24.09
C SER A 510 -23.53 -6.46 -23.27
N VAL A 511 -24.28 -5.98 -22.28
CA VAL A 511 -23.83 -4.88 -21.42
C VAL A 511 -22.61 -5.32 -20.60
N ASP A 512 -22.64 -6.54 -20.06
CA ASP A 512 -21.53 -7.07 -19.28
C ASP A 512 -20.26 -7.29 -20.11
N THR A 513 -20.42 -7.75 -21.36
CA THR A 513 -19.28 -7.95 -22.24
C THR A 513 -18.56 -6.64 -22.57
N PHE A 514 -19.33 -5.58 -22.87
CA PHE A 514 -18.76 -4.26 -23.19
C PHE A 514 -18.01 -3.65 -22.01
N ARG A 515 -18.57 -3.80 -20.80
CA ARG A 515 -17.90 -3.30 -19.60
C ARG A 515 -16.59 -4.04 -19.33
N GLY A 516 -16.54 -5.34 -19.62
CA GLY A 516 -15.31 -6.09 -19.43
C GLY A 516 -14.18 -5.65 -20.35
N ILE A 517 -14.51 -5.34 -21.62
CA ILE A 517 -13.52 -4.79 -22.55
C ILE A 517 -12.99 -3.47 -22.04
N ALA A 518 -13.89 -2.61 -21.53
CA ALA A 518 -13.46 -1.32 -20.97
C ALA A 518 -12.55 -1.52 -19.74
N LEU A 519 -12.86 -2.53 -18.91
CA LEU A 519 -12.02 -2.82 -17.74
C LEU A 519 -10.63 -3.32 -18.12
N ILE A 520 -10.51 -4.21 -19.13
CA ILE A 520 -9.17 -4.68 -19.48
C ILE A 520 -8.35 -3.56 -20.12
N LEU A 521 -9.01 -2.66 -20.88
CA LEU A 521 -8.27 -1.54 -21.46
C LEU A 521 -7.81 -0.59 -20.37
N MET A 522 -8.66 -0.38 -19.35
CA MET A 522 -8.30 0.55 -18.28
C MET A 522 -7.17 -0.01 -17.42
N VAL A 523 -7.16 -1.32 -17.18
CA VAL A 523 -6.10 -1.91 -16.36
C VAL A 523 -4.78 -1.90 -17.12
N PHE A 524 -4.82 -2.21 -18.42
CA PHE A 524 -3.60 -2.22 -19.21
C PHE A 524 -3.00 -0.83 -19.36
N VAL A 525 -3.82 0.17 -19.71
CA VAL A 525 -3.32 1.52 -19.88
C VAL A 525 -2.83 2.13 -18.55
N ASN A 526 -3.55 1.89 -17.44
CA ASN A 526 -3.13 2.51 -16.19
C ASN A 526 -1.88 1.87 -15.59
N TYR A 527 -1.69 0.56 -15.76
CA TYR A 527 -0.41 -0.03 -15.36
C TYR A 527 0.74 0.51 -16.21
N GLY A 528 0.67 0.29 -17.51
CA GLY A 528 1.66 0.84 -18.41
C GLY A 528 1.31 0.55 -19.86
N GLY A 529 1.53 1.52 -20.73
CA GLY A 529 1.25 1.32 -22.13
C GLY A 529 2.35 0.65 -22.92
N GLY A 530 3.33 0.06 -22.24
CA GLY A 530 4.56 -0.28 -22.90
C GLY A 530 5.47 0.90 -23.12
N LYS A 531 5.21 1.99 -22.38
CA LYS A 531 5.87 3.29 -22.56
C LYS A 531 5.73 3.81 -23.98
N TYR A 532 4.54 3.66 -24.54
CA TYR A 532 4.23 4.05 -25.92
C TYR A 532 3.33 5.27 -25.88
N TRP A 533 3.50 6.16 -26.87
CA TRP A 533 2.75 7.40 -26.86
C TRP A 533 1.30 7.24 -27.31
N TYR A 534 0.95 6.13 -27.96
CA TYR A 534 -0.44 5.92 -28.38
C TYR A 534 -1.17 4.96 -27.45
N PHE A 535 -0.62 4.69 -26.27
CA PHE A 535 -1.36 4.07 -25.19
C PHE A 535 -1.28 4.97 -23.97
N LYS A 536 -1.59 6.26 -24.15
CA LYS A 536 -1.38 7.28 -23.14
C LYS A 536 -2.26 8.47 -23.51
N HIS A 537 -2.71 9.22 -22.50
CA HIS A 537 -3.53 10.39 -22.73
C HIS A 537 -2.76 11.46 -23.49
N ALA A 538 -3.42 12.06 -24.48
CA ALA A 538 -2.82 13.14 -25.26
C ALA A 538 -2.66 14.39 -24.40
N SER A 539 -1.67 15.22 -24.77
CA SER A 539 -1.37 16.41 -23.97
C SER A 539 -2.50 17.42 -24.02
N TRP A 540 -3.01 17.71 -25.21
CA TRP A 540 -4.13 18.62 -25.40
C TRP A 540 -4.73 18.38 -26.77
N ASN A 541 -6.06 18.53 -26.85
CA ASN A 541 -6.81 18.58 -28.11
C ASN A 541 -6.65 17.33 -28.98
N GLY A 542 -6.67 16.15 -28.36
CA GLY A 542 -6.43 14.94 -29.13
C GLY A 542 -7.17 13.73 -28.58
N LEU A 543 -7.22 12.69 -29.41
CA LEU A 543 -7.86 11.43 -29.06
C LEU A 543 -6.87 10.28 -29.27
N THR A 544 -6.69 9.47 -28.24
CA THR A 544 -5.86 8.27 -28.31
C THR A 544 -6.64 7.05 -27.87
N VAL A 545 -5.94 5.91 -27.72
CA VAL A 545 -6.58 4.70 -27.21
C VAL A 545 -6.96 4.88 -25.75
N ALA A 546 -6.14 5.62 -24.99
CA ALA A 546 -6.35 5.81 -23.56
C ALA A 546 -7.58 6.67 -23.28
N ASP A 547 -7.89 7.63 -24.14
CA ASP A 547 -8.97 8.57 -23.89
C ASP A 547 -10.35 7.90 -24.00
N LEU A 548 -10.46 6.82 -24.77
CA LEU A 548 -11.75 6.24 -25.10
C LEU A 548 -12.41 5.54 -23.91
N VAL A 549 -11.63 5.12 -22.93
CA VAL A 549 -12.08 4.14 -21.94
C VAL A 549 -13.14 4.71 -21.00
N PHE A 550 -12.88 5.90 -20.43
CA PHE A 550 -13.70 6.46 -19.35
C PHE A 550 -15.17 6.81 -19.71
N PRO A 551 -15.50 7.45 -20.85
CA PRO A 551 -16.93 7.77 -21.08
C PRO A 551 -17.85 6.57 -21.25
N TRP A 552 -17.30 5.44 -21.72
CA TRP A 552 -18.10 4.23 -21.92
C TRP A 552 -18.65 3.71 -20.60
N PHE A 553 -17.89 3.85 -19.51
CA PHE A 553 -18.37 3.46 -18.19
C PHE A 553 -19.59 4.28 -17.77
N VAL A 554 -19.58 5.58 -18.06
CA VAL A 554 -20.72 6.44 -17.74
C VAL A 554 -21.95 6.04 -18.55
N PHE A 555 -21.74 5.67 -19.82
CA PHE A 555 -22.86 5.25 -20.67
C PHE A 555 -23.48 3.95 -20.14
N ILE A 556 -22.63 2.98 -19.79
CA ILE A 556 -23.09 1.72 -19.19
C ILE A 556 -23.80 1.99 -17.87
N MET A 557 -23.29 2.94 -17.08
CA MET A 557 -23.87 3.25 -15.78
C MET A 557 -25.29 3.78 -15.92
N GLY A 558 -25.51 4.70 -16.88
CA GLY A 558 -26.86 5.20 -17.11
C GLY A 558 -27.84 4.12 -17.57
N SER A 559 -27.36 3.23 -18.45
CA SER A 559 -28.19 2.10 -18.87
C SER A 559 -28.57 1.22 -17.69
N SER A 560 -27.60 0.90 -16.83
CA SER A 560 -27.84 0.07 -15.66
C SER A 560 -28.77 0.75 -14.65
N ILE A 561 -28.75 2.08 -14.57
CA ILE A 561 -29.70 2.83 -13.74
C ILE A 561 -31.12 2.57 -14.19
N PHE A 562 -31.39 2.71 -15.50
CA PHE A 562 -32.76 2.48 -15.96
C PHE A 562 -33.17 1.02 -15.80
N LEU A 563 -32.25 0.07 -16.08
CA LEU A 563 -32.59 -1.35 -16.02
C LEU A 563 -32.89 -1.78 -14.59
N SER A 564 -32.16 -1.26 -13.60
CA SER A 564 -32.45 -1.58 -12.22
C SER A 564 -33.74 -0.91 -11.75
N MET A 565 -33.90 0.39 -12.08
CA MET A 565 -34.99 1.18 -11.51
C MET A 565 -36.35 0.69 -11.99
N THR A 566 -36.47 0.30 -13.27
CA THR A 566 -37.77 -0.20 -13.72
C THR A 566 -38.14 -1.52 -13.03
N SER A 567 -37.13 -2.36 -12.73
CA SER A 567 -37.39 -3.64 -12.08
C SER A 567 -37.74 -3.49 -10.61
N ILE A 568 -37.18 -2.49 -9.92
CA ILE A 568 -37.49 -2.32 -8.50
C ILE A 568 -38.85 -1.64 -8.30
N LEU A 569 -39.22 -0.70 -9.16
CA LEU A 569 -40.54 -0.06 -9.06
C LEU A 569 -41.67 -1.06 -9.32
N GLN A 570 -41.50 -1.95 -10.29
CA GLN A 570 -42.38 -3.10 -10.39
C GLN A 570 -42.07 -4.04 -9.21
N ARG A 571 -43.06 -4.87 -8.85
CA ARG A 571 -43.31 -5.86 -7.77
C ARG A 571 -43.80 -5.14 -6.51
N GLY A 572 -43.83 -3.81 -6.50
CA GLY A 572 -44.25 -3.07 -5.32
C GLY A 572 -43.11 -2.48 -4.53
N CYS A 573 -42.94 -1.16 -4.62
CA CYS A 573 -41.94 -0.44 -3.84
C CYS A 573 -42.36 1.01 -3.74
N SER A 574 -41.66 1.75 -2.89
CA SER A 574 -41.96 3.15 -2.63
C SER A 574 -40.74 4.00 -2.99
N LYS A 575 -41.00 5.24 -3.41
CA LYS A 575 -39.91 6.13 -3.79
C LYS A 575 -39.08 6.54 -2.58
N PHE A 576 -39.73 6.68 -1.42
CA PHE A 576 -39.06 6.93 -0.14
C PHE A 576 -38.09 5.82 0.21
N ARG A 577 -38.48 4.58 -0.10
CA ARG A 577 -37.56 3.44 0.04
C ARG A 577 -36.34 3.61 -0.86
N LEU A 578 -36.54 3.97 -2.13
CA LEU A 578 -35.43 3.98 -3.07
C LEU A 578 -34.48 5.15 -2.89
N LEU A 579 -34.97 6.30 -2.41
CA LEU A 579 -34.13 7.49 -2.32
C LEU A 579 -32.99 7.33 -1.33
N GLY A 580 -33.22 6.58 -0.25
CA GLY A 580 -32.16 6.32 0.70
C GLY A 580 -31.05 5.49 0.11
N LYS A 581 -31.43 4.50 -0.72
CA LYS A 581 -30.43 3.67 -1.41
C LYS A 581 -29.57 4.51 -2.32
N ILE A 582 -30.21 5.43 -3.07
CA ILE A 582 -29.47 6.29 -3.99
C ILE A 582 -28.51 7.18 -3.22
N ALA A 583 -29.01 7.76 -2.12
CA ALA A 583 -28.21 8.66 -1.30
C ALA A 583 -27.03 7.93 -0.69
N TRP A 584 -27.28 6.70 -0.20
CA TRP A 584 -26.22 5.97 0.46
C TRP A 584 -25.13 5.56 -0.51
N ARG A 585 -25.53 5.17 -1.74
CA ARG A 585 -24.54 4.81 -2.74
C ARG A 585 -23.65 5.99 -3.10
N SER A 586 -24.27 7.17 -3.26
CA SER A 586 -23.52 8.36 -3.60
C SER A 586 -22.52 8.73 -2.52
N PHE A 587 -22.97 8.63 -1.26
CA PHE A 587 -22.10 8.96 -0.14
C PHE A 587 -20.90 8.04 -0.07
N LEU A 588 -21.13 6.74 -0.29
CA LEU A 588 -20.05 5.77 -0.20
C LEU A 588 -19.01 6.00 -1.28
N LEU A 589 -19.45 6.31 -2.51
CA LEU A 589 -18.50 6.54 -3.59
C LEU A 589 -17.65 7.77 -3.30
N ILE A 590 -18.28 8.84 -2.78
CA ILE A 590 -17.55 10.06 -2.43
C ILE A 590 -16.53 9.77 -1.34
N CYS A 591 -16.89 8.90 -0.39
CA CYS A 591 -15.96 8.54 0.66
C CYS A 591 -14.80 7.70 0.15
N ILE A 592 -15.08 6.72 -0.73
CA ILE A 592 -14.03 5.81 -1.20
C ILE A 592 -12.96 6.54 -2.01
N GLY A 593 -13.36 7.45 -2.89
CA GLY A 593 -12.40 8.14 -3.74
C GLY A 593 -11.42 9.03 -3.00
N ILE A 594 -11.91 9.84 -2.05
CA ILE A 594 -11.03 10.77 -1.34
C ILE A 594 -10.11 10.04 -0.37
N ILE A 595 -10.62 9.06 0.36
CA ILE A 595 -9.82 8.42 1.41
C ILE A 595 -8.79 7.46 0.82
N ILE A 596 -9.17 6.68 -0.19
CA ILE A 596 -8.38 5.53 -0.66
C ILE A 596 -7.69 5.82 -2.00
N VAL A 597 -8.46 6.18 -3.02
CA VAL A 597 -7.95 6.17 -4.39
C VAL A 597 -6.99 7.33 -4.65
N ASN A 598 -7.35 8.55 -4.23
CA ASN A 598 -6.55 9.73 -4.57
C ASN A 598 -5.17 9.79 -3.91
N PRO A 599 -5.02 9.74 -2.57
CA PRO A 599 -3.73 10.13 -1.98
C PRO A 599 -2.63 9.09 -2.19
N ASN A 600 -1.40 9.59 -2.33
CA ASN A 600 -0.20 8.76 -2.39
C ASN A 600 0.35 8.66 -0.96
N TYR A 601 0.19 7.49 -0.35
CA TYR A 601 0.53 7.30 1.05
C TYR A 601 1.96 6.81 1.29
N CYS A 602 2.82 6.80 0.26
CA CYS A 602 4.23 6.50 0.49
C CYS A 602 5.05 7.75 0.79
N LEU A 603 4.57 8.93 0.38
CA LEU A 603 5.33 10.16 0.46
C LEU A 603 5.14 10.91 1.78
N GLY A 604 4.20 10.47 2.63
CA GLY A 604 3.95 11.14 3.88
C GLY A 604 2.54 10.91 4.39
N PRO A 605 2.31 11.19 5.67
CA PRO A 605 0.96 11.10 6.23
C PRO A 605 0.05 12.17 5.64
N LEU A 606 -1.23 11.81 5.52
CA LEU A 606 -2.22 12.68 4.92
C LEU A 606 -2.50 13.89 5.82
N SER A 607 -2.52 15.09 5.24
CA SER A 607 -2.89 16.30 5.97
C SER A 607 -3.80 17.19 5.13
N TRP A 608 -4.78 17.81 5.79
CA TRP A 608 -5.62 18.82 5.13
C TRP A 608 -4.79 20.07 4.87
N ASP A 609 -5.18 20.81 3.81
CA ASP A 609 -4.61 21.94 3.01
C ASP A 609 -3.75 21.32 1.92
N LYS A 610 -3.66 20.00 1.87
CA LYS A 610 -2.88 19.26 0.88
C LYS A 610 -3.63 18.02 0.41
N VAL A 611 -4.97 18.01 0.51
CA VAL A 611 -5.81 16.90 0.05
C VAL A 611 -6.44 17.29 -1.28
N ARG A 612 -6.58 16.32 -2.19
CA ARG A 612 -7.14 16.60 -3.51
C ARG A 612 -8.60 16.18 -3.44
N ILE A 613 -9.50 17.14 -3.50
CA ILE A 613 -10.94 16.86 -3.47
C ILE A 613 -11.51 16.34 -4.80
N PRO A 614 -11.22 16.93 -5.99
CA PRO A 614 -11.80 16.38 -7.22
C PRO A 614 -11.26 15.00 -7.57
N GLY A 615 -12.14 14.14 -8.05
CA GLY A 615 -11.74 12.78 -8.38
C GLY A 615 -12.78 12.08 -9.22
N VAL A 616 -12.38 10.91 -9.72
CA VAL A 616 -13.21 10.14 -10.66
C VAL A 616 -14.43 9.54 -9.96
N LEU A 617 -14.28 9.07 -8.72
CA LEU A 617 -15.39 8.45 -8.01
C LEU A 617 -16.38 9.49 -7.51
N GLN A 618 -15.90 10.67 -7.11
CA GLN A 618 -16.79 11.77 -6.74
C GLN A 618 -17.62 12.21 -7.93
N ARG A 619 -17.01 12.29 -9.11
CA ARG A 619 -17.71 12.65 -10.34
C ARG A 619 -18.79 11.61 -10.68
N LEU A 620 -18.45 10.33 -10.58
CA LEU A 620 -19.43 9.27 -10.83
C LEU A 620 -20.58 9.33 -9.81
N GLY A 621 -20.25 9.59 -8.54
CA GLY A 621 -21.28 9.67 -7.52
C GLY A 621 -22.25 10.83 -7.71
N VAL A 622 -21.73 12.01 -8.06
CA VAL A 622 -22.63 13.16 -8.22
C VAL A 622 -23.49 13.02 -9.47
N THR A 623 -22.92 12.51 -10.59
CA THR A 623 -23.77 12.34 -11.77
C THR A 623 -24.78 11.22 -11.57
N TYR A 624 -24.42 10.18 -10.80
CA TYR A 624 -25.35 9.11 -10.47
C TYR A 624 -26.51 9.62 -9.65
N PHE A 625 -26.23 10.47 -8.65
CA PHE A 625 -27.27 11.03 -7.81
C PHE A 625 -28.24 11.89 -8.62
N VAL A 626 -27.71 12.76 -9.49
CA VAL A 626 -28.58 13.66 -10.26
C VAL A 626 -29.47 12.89 -11.22
N VAL A 627 -28.90 11.98 -12.02
CA VAL A 627 -29.74 11.30 -13.01
C VAL A 627 -30.68 10.29 -12.34
N ALA A 628 -30.26 9.67 -11.23
CA ALA A 628 -31.12 8.69 -10.55
C ALA A 628 -32.33 9.36 -9.92
N VAL A 629 -32.11 10.49 -9.23
CA VAL A 629 -33.23 11.22 -8.63
C VAL A 629 -34.14 11.80 -9.72
N LEU A 630 -33.55 12.25 -10.83
CA LEU A 630 -34.34 12.86 -11.89
C LEU A 630 -35.22 11.84 -12.61
N GLU A 631 -34.70 10.62 -12.82
CA GLU A 631 -35.57 9.56 -13.36
C GLU A 631 -36.59 9.08 -12.35
N LEU A 632 -36.23 9.04 -11.06
CA LEU A 632 -37.16 8.54 -10.05
C LEU A 632 -38.36 9.47 -9.85
N LEU A 633 -38.14 10.78 -10.00
CA LEU A 633 -39.25 11.73 -9.83
C LEU A 633 -40.30 11.60 -10.93
N PHE A 634 -39.88 11.44 -12.18
CA PHE A 634 -40.79 11.51 -13.33
C PHE A 634 -41.08 10.13 -13.93
N ALA A 635 -40.99 9.06 -13.14
CA ALA A 635 -41.13 7.72 -13.67
C ALA A 635 -42.57 7.43 -14.08
N LYS A 636 -42.72 6.76 -15.21
CA LYS A 636 -44.00 6.31 -15.73
C LYS A 636 -43.91 4.84 -16.09
N PRO A 637 -45.01 4.08 -15.94
CA PRO A 637 -44.94 2.66 -16.24
C PRO A 637 -44.73 2.43 -17.73
N VAL A 638 -44.03 1.36 -18.05
CA VAL A 638 -43.71 0.98 -19.42
C VAL A 638 -44.96 0.50 -20.15
N PRO A 639 -45.29 1.09 -21.29
CA PRO A 639 -46.56 0.69 -21.98
C PRO A 639 -46.42 -0.71 -22.61
N GLU A 640 -47.45 -1.53 -22.41
CA GLU A 640 -47.53 -2.82 -23.09
C GLU A 640 -47.78 -2.67 -24.57
N HIS A 641 -47.20 -3.59 -25.36
CA HIS A 641 -47.28 -3.60 -26.83
C HIS A 641 -46.79 -2.29 -27.42
N CYS A 642 -45.67 -1.80 -26.86
CA CYS A 642 -45.07 -0.55 -27.29
C CYS A 642 -44.44 -0.68 -28.66
N ALA A 643 -44.02 -1.87 -29.04
CA ALA A 643 -43.30 -2.09 -30.29
C ALA A 643 -44.23 -1.89 -31.48
N SER A 644 -43.68 -1.32 -32.54
CA SER A 644 -44.39 -1.13 -33.79
C SER A 644 -43.38 -1.29 -34.93
N GLU A 645 -43.87 -1.12 -36.16
CA GLU A 645 -42.98 -1.09 -37.31
C GLU A 645 -42.14 0.18 -37.29
N ARG A 646 -41.03 0.14 -38.04
CA ARG A 646 -40.09 1.26 -38.08
C ARG A 646 -40.73 2.51 -38.67
N SER A 647 -40.54 3.64 -37.97
CA SER A 647 -41.11 4.97 -38.17
C SER A 647 -42.60 5.04 -37.84
N CYS A 648 -43.22 3.95 -37.36
CA CYS A 648 -44.62 3.97 -36.96
C CYS A 648 -44.80 3.98 -35.45
N LEU A 649 -43.73 4.12 -34.67
CA LEU A 649 -43.84 4.10 -33.22
C LEU A 649 -44.43 5.39 -32.67
N SER A 650 -44.36 6.48 -33.46
CA SER A 650 -44.66 7.87 -33.10
C SER A 650 -43.68 8.42 -32.08
N LEU A 651 -42.49 7.81 -32.00
CA LEU A 651 -41.40 8.19 -31.09
C LEU A 651 -41.86 8.19 -29.63
N ARG A 652 -42.50 7.10 -29.22
CA ARG A 652 -43.21 7.06 -27.94
C ARG A 652 -42.22 7.06 -26.78
N ASP A 653 -41.06 6.44 -27.01
CA ASP A 653 -39.94 6.49 -26.08
C ASP A 653 -39.45 7.93 -25.90
N ILE A 654 -39.40 8.71 -26.99
CA ILE A 654 -38.98 10.10 -26.88
C ILE A 654 -40.02 10.92 -26.12
N THR A 655 -41.29 10.77 -26.49
CA THR A 655 -42.34 11.64 -25.95
C THR A 655 -42.76 11.24 -24.54
N SER A 656 -42.30 10.11 -24.01
CA SER A 656 -42.58 9.80 -22.62
C SER A 656 -41.60 10.51 -21.67
N SER A 657 -40.51 11.05 -22.19
CA SER A 657 -39.48 11.73 -21.39
C SER A 657 -39.49 13.23 -21.58
N TRP A 658 -40.63 13.79 -22.01
CA TRP A 658 -40.79 15.21 -22.34
C TRP A 658 -40.30 16.20 -21.26
N PRO A 659 -40.60 16.08 -19.94
CA PRO A 659 -40.06 17.09 -19.03
C PRO A 659 -38.56 16.99 -18.79
N GLN A 660 -37.99 15.78 -18.82
CA GLN A 660 -36.58 15.63 -18.45
C GLN A 660 -35.61 16.02 -19.55
N TRP A 661 -36.03 16.07 -20.81
CA TRP A 661 -35.14 16.59 -21.86
C TRP A 661 -34.84 18.07 -21.66
N LEU A 662 -35.83 18.83 -21.17
CA LEU A 662 -35.73 20.28 -21.08
C LEU A 662 -34.63 20.71 -20.10
N LEU A 663 -34.53 20.02 -18.97
CA LEU A 663 -33.51 20.32 -17.98
C LEU A 663 -32.11 20.10 -18.54
N ILE A 664 -31.93 19.01 -19.29
CA ILE A 664 -30.64 18.70 -19.90
C ILE A 664 -30.26 19.76 -20.91
N LEU A 665 -31.25 20.25 -21.69
CA LEU A 665 -30.99 21.35 -22.62
C LEU A 665 -30.58 22.64 -21.90
N VAL A 666 -31.23 22.93 -20.76
CA VAL A 666 -30.88 24.12 -19.98
C VAL A 666 -29.47 24.02 -19.41
N LEU A 667 -29.09 22.85 -18.89
CA LEU A 667 -27.72 22.65 -18.40
C LEU A 667 -26.68 22.77 -19.51
N GLU A 668 -26.96 22.24 -20.70
CA GLU A 668 -26.01 22.39 -21.80
C GLU A 668 -25.89 23.85 -22.25
N GLY A 669 -27.01 24.58 -22.26
CA GLY A 669 -26.96 26.00 -22.55
C GLY A 669 -26.13 26.77 -21.53
N LEU A 670 -26.24 26.37 -20.25
CA LEU A 670 -25.42 26.97 -19.21
C LEU A 670 -23.93 26.69 -19.43
N TRP A 671 -23.59 25.47 -19.84
CA TRP A 671 -22.18 25.12 -20.03
C TRP A 671 -21.58 25.91 -21.19
N LEU A 672 -22.32 26.01 -22.30
CA LEU A 672 -21.88 26.80 -23.45
C LEU A 672 -21.71 28.28 -23.09
N GLY A 673 -22.73 28.86 -22.42
CA GLY A 673 -22.68 30.27 -22.10
C GLY A 673 -21.58 30.60 -21.11
N LEU A 674 -21.40 29.75 -20.09
CA LEU A 674 -20.36 29.97 -19.09
C LEU A 674 -18.97 29.87 -19.71
N THR A 675 -18.73 28.83 -20.52
CA THR A 675 -17.40 28.66 -21.10
C THR A 675 -17.06 29.76 -22.10
N PHE A 676 -17.99 30.11 -22.99
CA PHE A 676 -17.66 31.13 -23.98
C PHE A 676 -17.72 32.57 -23.47
N LEU A 677 -18.59 32.89 -22.51
CA LEU A 677 -18.87 34.30 -22.20
C LEU A 677 -18.49 34.79 -20.81
N LEU A 678 -18.01 33.94 -19.91
CA LEU A 678 -17.71 34.41 -18.55
C LEU A 678 -16.45 35.27 -18.55
N PRO A 679 -16.47 36.43 -17.90
CA PRO A 679 -15.24 37.24 -17.77
C PRO A 679 -14.31 36.62 -16.74
N VAL A 680 -13.03 36.54 -17.09
CA VAL A 680 -12.01 35.97 -16.22
C VAL A 680 -10.86 36.97 -16.15
N PRO A 681 -10.36 37.29 -14.95
CA PRO A 681 -9.30 38.31 -14.83
C PRO A 681 -7.99 37.86 -15.46
N GLY A 682 -7.38 38.78 -16.21
CA GLY A 682 -6.08 38.51 -16.83
C GLY A 682 -6.11 37.66 -18.09
N CYS A 683 -6.77 36.52 -18.04
CA CYS A 683 -6.89 35.63 -19.18
C CYS A 683 -7.93 36.18 -20.16
N PRO A 684 -7.93 35.73 -21.41
CA PRO A 684 -9.05 36.06 -22.30
C PRO A 684 -10.34 35.40 -21.84
N THR A 685 -11.46 36.00 -22.25
CA THR A 685 -12.75 35.67 -21.66
C THR A 685 -13.21 34.24 -22.00
N GLY A 686 -13.12 33.84 -23.27
CA GLY A 686 -13.35 32.45 -23.60
C GLY A 686 -12.13 31.84 -24.24
N TYR A 687 -11.43 30.97 -23.52
CA TYR A 687 -10.13 30.49 -23.96
C TYR A 687 -10.10 28.97 -23.84
N LEU A 688 -9.66 28.29 -24.89
CA LEU A 688 -9.61 26.83 -24.89
C LEU A 688 -8.20 26.27 -25.01
N GLY A 689 -7.21 27.09 -25.34
CA GLY A 689 -5.87 26.60 -25.58
C GLY A 689 -5.12 26.36 -24.30
N PRO A 690 -3.94 25.76 -24.44
CA PRO A 690 -3.06 25.55 -23.28
C PRO A 690 -2.34 26.84 -22.91
N GLY A 691 -1.56 26.77 -21.85
CA GLY A 691 -0.74 27.89 -21.45
C GLY A 691 0.71 27.69 -21.84
N GLY A 692 1.60 28.29 -21.06
CA GLY A 692 3.04 28.15 -21.25
C GLY A 692 3.55 28.57 -22.62
N ILE A 693 4.20 27.64 -23.31
CA ILE A 693 4.79 27.92 -24.61
C ILE A 693 3.71 28.02 -25.68
N GLY A 694 2.66 27.20 -25.57
CA GLY A 694 1.62 27.16 -26.57
C GLY A 694 0.85 28.46 -26.69
N ASP A 695 0.34 28.70 -27.92
CA ASP A 695 -0.17 30.00 -28.38
C ASP A 695 0.89 31.09 -28.32
N PHE A 696 2.15 30.70 -28.59
CA PHE A 696 3.31 31.60 -28.78
C PHE A 696 3.74 32.29 -27.51
N GLY A 697 3.33 31.78 -26.34
CA GLY A 697 3.74 32.40 -25.09
C GLY A 697 3.18 33.79 -24.89
N LYS A 698 2.00 34.06 -25.46
CA LYS A 698 1.33 35.33 -25.25
C LYS A 698 0.57 35.32 -23.94
N TYR A 699 -0.03 34.19 -23.61
CA TYR A 699 -0.76 33.91 -22.38
C TYR A 699 -0.04 32.84 -21.56
N PRO A 700 0.91 33.19 -20.69
CA PRO A 700 1.78 32.15 -20.12
C PRO A 700 1.15 31.38 -18.96
N ASN A 701 0.13 31.93 -18.31
CA ASN A 701 -0.82 31.15 -17.51
C ASN A 701 -1.97 30.76 -18.43
N CYS A 702 -3.19 30.65 -17.89
CA CYS A 702 -4.41 30.31 -18.64
C CYS A 702 -4.29 28.90 -19.24
N THR A 703 -4.04 27.92 -18.39
CA THR A 703 -4.26 26.54 -18.79
C THR A 703 -5.75 26.19 -18.79
N GLY A 704 -6.46 26.52 -17.72
CA GLY A 704 -7.84 26.11 -17.63
C GLY A 704 -8.81 26.90 -18.49
N GLY A 705 -8.67 28.22 -18.50
CA GLY A 705 -9.73 29.05 -19.03
C GLY A 705 -10.79 29.32 -17.97
N ALA A 706 -12.03 29.51 -18.43
CA ALA A 706 -13.14 29.84 -17.54
C ALA A 706 -13.53 28.69 -16.61
N ALA A 707 -13.13 27.45 -16.90
CA ALA A 707 -13.31 26.37 -15.95
C ALA A 707 -12.26 26.44 -14.84
N GLY A 708 -11.02 26.79 -15.21
CA GLY A 708 -9.96 26.89 -14.22
C GLY A 708 -10.18 28.00 -13.22
N TYR A 709 -10.70 29.15 -13.68
CA TYR A 709 -10.99 30.25 -12.76
C TYR A 709 -12.10 29.90 -11.77
N ILE A 710 -13.16 29.23 -12.24
CA ILE A 710 -14.25 28.84 -11.36
C ILE A 710 -13.77 27.83 -10.33
N ASP A 711 -12.96 26.86 -10.77
CA ASP A 711 -12.45 25.86 -9.84
C ASP A 711 -11.44 26.49 -8.87
N ARG A 712 -10.63 27.45 -9.32
CA ARG A 712 -9.63 28.09 -8.47
C ARG A 712 -10.19 29.28 -7.67
N LEU A 713 -11.49 29.35 -7.49
CA LEU A 713 -12.10 30.36 -6.64
C LEU A 713 -12.94 29.74 -5.54
N LEU A 714 -13.29 28.46 -5.66
CA LEU A 714 -14.12 27.77 -4.68
C LEU A 714 -13.27 26.81 -3.86
N LEU A 715 -12.85 25.68 -4.45
CA LEU A 715 -12.10 24.67 -3.71
C LEU A 715 -10.73 25.17 -3.26
N GLY A 716 -10.03 25.90 -4.12
CA GLY A 716 -8.70 26.35 -3.79
C GLY A 716 -7.76 26.19 -4.95
N ASP A 717 -6.47 26.27 -4.64
CA ASP A 717 -5.39 26.02 -5.60
C ASP A 717 -4.45 24.93 -5.09
N ASP A 718 -4.49 24.62 -3.79
CA ASP A 718 -3.73 23.57 -3.15
C ASP A 718 -4.47 22.24 -3.17
N HIS A 719 -5.79 22.28 -3.34
CA HIS A 719 -6.64 21.10 -3.39
C HIS A 719 -6.85 20.61 -4.80
N LEU A 720 -5.89 20.84 -5.69
CA LEU A 720 -5.95 20.44 -7.10
C LEU A 720 -4.77 19.59 -7.50
N TYR A 721 -4.95 18.92 -8.63
CA TYR A 721 -3.97 17.99 -9.16
C TYR A 721 -2.77 18.79 -9.66
N GLN A 722 -1.59 18.48 -9.14
CA GLN A 722 -0.43 19.36 -9.31
C GLN A 722 0.13 19.32 -10.72
N HIS A 723 0.28 18.12 -11.28
CA HIS A 723 1.00 17.93 -12.54
C HIS A 723 0.12 17.38 -13.64
N PRO A 724 -0.43 18.23 -14.50
CA PRO A 724 -1.33 17.77 -15.56
C PRO A 724 -0.58 17.13 -16.73
N SER A 725 -1.37 16.56 -17.64
CA SER A 725 -0.80 15.87 -18.80
C SER A 725 -0.16 16.82 -19.78
N SER A 726 -0.66 18.07 -19.85
CA SER A 726 -0.19 19.04 -20.83
C SER A 726 1.21 19.55 -20.56
N ALA A 727 1.77 19.27 -19.37
CA ALA A 727 3.00 19.91 -18.91
C ALA A 727 4.22 19.49 -19.73
N VAL A 728 4.27 18.23 -20.16
CA VAL A 728 5.49 17.67 -20.74
C VAL A 728 5.82 18.30 -22.09
N LEU A 729 4.82 18.62 -22.90
CA LEU A 729 5.06 19.26 -24.19
C LEU A 729 4.85 20.76 -24.17
N TYR A 730 3.76 21.24 -23.54
CA TYR A 730 3.36 22.64 -23.60
C TYR A 730 4.01 23.50 -22.52
N HIS A 731 4.62 22.87 -21.51
CA HIS A 731 5.38 23.53 -20.43
C HIS A 731 4.54 24.53 -19.62
N THR A 732 3.48 24.04 -19.01
CA THR A 732 2.60 24.87 -18.19
C THR A 732 2.93 24.65 -16.72
N GLU A 733 3.21 25.75 -16.00
CA GLU A 733 3.52 25.67 -14.57
C GLU A 733 2.27 25.48 -13.72
N VAL A 734 1.17 26.15 -14.08
CA VAL A 734 0.02 26.26 -13.20
C VAL A 734 -0.76 24.94 -13.18
N ALA A 735 -1.40 24.64 -12.04
CA ALA A 735 -2.07 23.37 -11.83
C ALA A 735 -3.44 23.34 -12.48
N TYR A 736 -3.85 22.14 -12.91
CA TYR A 736 -5.17 21.89 -13.47
C TYR A 736 -5.67 20.53 -12.97
N ASP A 737 -6.99 20.40 -12.88
CA ASP A 737 -7.60 19.13 -12.53
C ASP A 737 -8.40 18.61 -13.72
N PRO A 738 -8.12 17.40 -14.22
CA PRO A 738 -8.88 16.88 -15.35
C PRO A 738 -10.34 16.61 -15.04
N GLU A 739 -10.67 16.21 -13.81
CA GLU A 739 -12.04 15.82 -13.43
C GLU A 739 -12.48 16.66 -12.25
N GLY A 740 -12.94 17.88 -12.51
CA GLY A 740 -13.31 18.77 -11.43
C GLY A 740 -14.74 19.30 -11.49
N ILE A 741 -14.85 20.61 -11.67
CA ILE A 741 -16.13 21.31 -11.74
C ILE A 741 -16.26 21.88 -13.14
N LEU A 742 -17.51 21.98 -13.63
CA LEU A 742 -18.03 22.50 -14.91
C LEU A 742 -17.90 21.45 -16.02
N GLY A 743 -17.29 20.30 -15.77
CA GLY A 743 -17.40 19.22 -16.72
C GLY A 743 -18.46 18.19 -16.35
N THR A 744 -19.00 18.33 -15.13
CA THR A 744 -20.02 17.41 -14.62
C THR A 744 -21.30 17.43 -15.47
N ILE A 745 -21.61 18.60 -16.05
CA ILE A 745 -22.81 18.76 -16.89
C ILE A 745 -22.76 17.85 -18.11
N ASN A 746 -21.61 17.78 -18.79
CA ASN A 746 -21.46 16.88 -19.93
C ASN A 746 -21.52 15.42 -19.52
N SER A 747 -20.99 15.09 -18.33
CA SER A 747 -21.10 13.73 -17.80
C SER A 747 -22.56 13.34 -17.59
N ILE A 748 -23.37 14.28 -17.07
CA ILE A 748 -24.80 14.04 -16.90
C ILE A 748 -25.48 13.83 -18.25
N VAL A 749 -25.09 14.62 -19.26
CA VAL A 749 -25.68 14.50 -20.60
C VAL A 749 -25.39 13.12 -21.20
N MET A 750 -24.16 12.63 -21.04
CA MET A 750 -23.83 11.33 -21.64
C MET A 750 -24.46 10.18 -20.86
N ALA A 751 -24.59 10.31 -19.54
CA ALA A 751 -25.33 9.32 -18.76
C ALA A 751 -26.80 9.28 -19.16
N PHE A 752 -27.37 10.45 -19.49
CA PHE A 752 -28.75 10.47 -19.99
C PHE A 752 -28.86 9.78 -21.35
N LEU A 753 -27.83 9.89 -22.19
CA LEU A 753 -27.82 9.15 -23.45
C LEU A 753 -27.79 7.64 -23.21
N GLY A 754 -27.01 7.19 -22.22
CA GLY A 754 -27.04 5.78 -21.85
C GLY A 754 -28.40 5.33 -21.34
N VAL A 755 -29.08 6.20 -20.59
CA VAL A 755 -30.44 5.94 -20.13
C VAL A 755 -31.37 5.78 -21.33
N GLN A 756 -31.18 6.62 -22.35
CA GLN A 756 -31.98 6.55 -23.57
C GLN A 756 -31.79 5.22 -24.28
N ALA A 757 -30.55 4.71 -24.33
CA ALA A 757 -30.30 3.39 -24.90
C ALA A 757 -31.01 2.27 -24.13
N GLY A 758 -30.97 2.37 -22.78
CA GLY A 758 -31.65 1.38 -21.94
C GLY A 758 -33.16 1.38 -22.13
N LYS A 759 -33.76 2.56 -22.32
CA LYS A 759 -35.19 2.65 -22.61
C LYS A 759 -35.54 1.97 -23.92
N ILE A 760 -34.67 2.11 -24.94
CA ILE A 760 -34.87 1.44 -26.22
C ILE A 760 -34.88 -0.07 -26.08
N LEU A 761 -33.95 -0.63 -25.29
CA LEU A 761 -33.89 -2.09 -25.15
C LEU A 761 -35.14 -2.71 -24.52
N LEU A 762 -35.70 -2.10 -23.46
CA LEU A 762 -36.92 -2.66 -22.84
C LEU A 762 -38.23 -2.26 -23.50
N TYR A 763 -38.31 -1.13 -24.20
CA TYR A 763 -39.57 -0.80 -24.86
C TYR A 763 -39.85 -1.70 -26.06
N TYR A 764 -38.85 -1.95 -26.90
CA TYR A 764 -39.09 -2.52 -28.21
C TYR A 764 -38.55 -3.94 -28.37
N LYS A 765 -38.56 -4.76 -27.31
CA LYS A 765 -37.84 -6.04 -27.36
C LYS A 765 -38.72 -7.19 -27.85
N ALA A 766 -39.68 -6.93 -28.73
CA ALA A 766 -40.36 -7.99 -29.45
C ALA A 766 -39.66 -8.34 -30.75
N ARG A 767 -39.39 -7.34 -31.59
CA ARG A 767 -38.72 -7.54 -32.86
C ARG A 767 -37.29 -7.03 -32.78
N THR A 768 -36.34 -7.83 -33.27
CA THR A 768 -34.93 -7.44 -33.26
C THR A 768 -34.68 -6.30 -34.24
N LYS A 769 -35.37 -6.32 -35.38
CA LYS A 769 -35.19 -5.35 -36.46
C LYS A 769 -35.44 -3.91 -36.01
N ASP A 770 -36.42 -3.72 -35.14
CA ASP A 770 -36.77 -2.40 -34.64
C ASP A 770 -35.62 -1.76 -33.84
N ILE A 771 -35.05 -2.54 -32.90
CA ILE A 771 -33.94 -2.08 -32.05
C ILE A 771 -32.72 -1.70 -32.88
N LEU A 772 -32.45 -2.49 -33.93
CA LEU A 772 -31.32 -2.20 -34.81
C LEU A 772 -31.53 -0.87 -35.55
N ILE A 773 -32.77 -0.60 -35.97
CA ILE A 773 -33.06 0.65 -36.68
C ILE A 773 -32.87 1.86 -35.77
N ARG A 774 -33.35 1.79 -34.52
CA ARG A 774 -33.11 2.90 -33.58
C ARG A 774 -31.62 3.09 -33.28
N PHE A 775 -30.87 2.00 -33.08
CA PHE A 775 -29.43 2.12 -32.82
C PHE A 775 -28.69 2.74 -34.01
N THR A 776 -29.05 2.32 -35.23
CA THR A 776 -28.44 2.87 -36.44
C THR A 776 -28.70 4.36 -36.58
N ALA A 777 -29.98 4.76 -36.40
CA ALA A 777 -30.34 6.17 -36.59
C ALA A 777 -29.68 7.06 -35.55
N TRP A 778 -29.64 6.61 -34.29
CA TRP A 778 -29.01 7.40 -33.24
C TRP A 778 -27.51 7.54 -33.48
N CYS A 779 -26.86 6.46 -33.92
CA CYS A 779 -25.42 6.50 -34.23
C CYS A 779 -25.12 7.47 -35.37
N CYS A 780 -25.93 7.45 -36.44
CA CYS A 780 -25.69 8.34 -37.57
C CYS A 780 -25.90 9.81 -37.19
N ILE A 781 -26.94 10.12 -36.41
CA ILE A 781 -27.18 11.52 -36.09
C ILE A 781 -26.10 12.08 -35.15
N LEU A 782 -25.65 11.27 -34.16
CA LEU A 782 -24.58 11.75 -33.28
C LEU A 782 -23.25 11.87 -34.02
N GLY A 783 -22.97 10.95 -34.93
CA GLY A 783 -21.76 11.07 -35.73
C GLY A 783 -21.76 12.29 -36.62
N LEU A 784 -22.94 12.65 -37.16
CA LEU A 784 -23.04 13.83 -38.01
C LEU A 784 -22.81 15.12 -37.23
N ILE A 785 -23.39 15.23 -36.02
CA ILE A 785 -23.13 16.42 -35.21
C ILE A 785 -21.65 16.51 -34.78
N SER A 786 -21.04 15.37 -34.42
CA SER A 786 -19.64 15.44 -34.00
C SER A 786 -18.69 15.73 -35.15
N VAL A 787 -19.07 15.34 -36.39
CA VAL A 787 -18.29 15.74 -37.55
C VAL A 787 -18.45 17.23 -37.80
N ALA A 788 -19.68 17.75 -37.70
CA ALA A 788 -19.94 19.15 -38.03
C ALA A 788 -19.24 20.07 -37.03
N LEU A 789 -19.24 19.70 -35.74
CA LEU A 789 -18.55 20.52 -34.75
C LEU A 789 -17.04 20.41 -34.87
N THR A 790 -16.50 19.21 -35.13
CA THR A 790 -15.06 19.05 -35.09
C THR A 790 -14.39 19.65 -36.33
N LYS A 791 -15.15 19.79 -37.43
CA LYS A 791 -14.71 20.30 -38.75
C LYS A 791 -13.63 19.36 -39.33
N VAL A 792 -13.71 18.07 -38.95
CA VAL A 792 -12.90 16.92 -39.35
C VAL A 792 -11.39 17.23 -39.28
N SER A 793 -10.99 17.86 -38.18
CA SER A 793 -9.58 18.18 -37.96
C SER A 793 -9.19 17.82 -36.54
N GLU A 794 -8.04 18.29 -36.08
CA GLU A 794 -7.62 18.02 -34.71
C GLU A 794 -7.52 19.29 -33.86
N ASN A 795 -6.91 20.34 -34.37
CA ASN A 795 -6.68 21.56 -33.60
C ASN A 795 -7.50 22.73 -34.10
N GLU A 796 -8.44 22.50 -35.02
CA GLU A 796 -9.26 23.56 -35.59
C GLU A 796 -10.73 23.19 -35.44
N GLY A 797 -11.59 24.17 -35.67
CA GLY A 797 -13.01 24.02 -35.44
C GLY A 797 -13.51 24.90 -34.31
N PHE A 798 -14.83 24.98 -34.21
CA PHE A 798 -15.45 25.85 -33.21
C PHE A 798 -15.22 25.28 -31.81
N ILE A 799 -15.47 23.99 -31.62
CA ILE A 799 -15.13 23.29 -30.38
C ILE A 799 -14.28 22.08 -30.74
N PRO A 800 -13.02 22.03 -30.32
CA PRO A 800 -12.20 20.83 -30.56
C PRO A 800 -12.50 19.74 -29.53
N VAL A 801 -12.03 18.54 -29.84
CA VAL A 801 -12.21 17.38 -28.97
C VAL A 801 -11.07 17.35 -27.96
N ASN A 802 -11.42 17.40 -26.69
CA ASN A 802 -10.43 17.50 -25.62
C ASN A 802 -10.96 16.74 -24.42
N LYS A 803 -10.12 15.87 -23.83
CA LYS A 803 -10.55 15.14 -22.65
C LYS A 803 -10.59 16.04 -21.42
N ASN A 804 -9.62 16.97 -21.30
CA ASN A 804 -9.46 17.75 -20.08
C ASN A 804 -10.61 18.72 -19.84
N LEU A 805 -11.16 19.29 -20.91
CA LEU A 805 -12.31 20.18 -20.78
C LEU A 805 -13.65 19.48 -20.85
N TRP A 806 -13.67 18.18 -21.20
CA TRP A 806 -14.88 17.39 -21.41
C TRP A 806 -15.83 18.04 -22.42
N SER A 807 -15.36 18.13 -23.66
CA SER A 807 -16.06 18.85 -24.71
C SER A 807 -17.34 18.13 -25.12
N LEU A 808 -18.31 18.92 -25.61
CA LEU A 808 -19.48 18.37 -26.27
C LEU A 808 -19.11 17.50 -27.47
N SER A 809 -18.05 17.88 -28.19
CA SER A 809 -17.53 17.05 -29.28
C SER A 809 -17.04 15.71 -28.77
N TYR A 810 -16.39 15.67 -27.61
CA TYR A 810 -15.86 14.43 -27.04
C TYR A 810 -16.97 13.44 -26.70
N VAL A 811 -17.99 13.89 -25.96
CA VAL A 811 -19.10 13.03 -25.60
C VAL A 811 -19.91 12.66 -26.84
N THR A 812 -19.99 13.56 -27.82
CA THR A 812 -20.79 13.27 -29.00
C THR A 812 -20.11 12.23 -29.90
N THR A 813 -18.77 12.25 -30.00
CA THR A 813 -18.13 11.23 -30.83
C THR A 813 -18.04 9.87 -30.14
N LEU A 814 -17.82 9.81 -28.82
CA LEU A 814 -17.69 8.48 -28.21
C LEU A 814 -19.04 7.76 -28.04
N SER A 815 -20.14 8.51 -27.90
CA SER A 815 -21.45 7.85 -27.78
C SER A 815 -21.85 7.15 -29.06
N SER A 816 -21.45 7.70 -30.22
CA SER A 816 -21.75 7.05 -31.49
C SER A 816 -20.99 5.73 -31.62
N PHE A 817 -19.74 5.70 -31.16
CA PHE A 817 -18.97 4.46 -31.12
C PHE A 817 -19.62 3.45 -30.18
N ALA A 818 -20.16 3.91 -29.05
CA ALA A 818 -20.85 3.01 -28.14
C ALA A 818 -22.12 2.43 -28.76
N PHE A 819 -22.88 3.25 -29.50
CA PHE A 819 -24.04 2.75 -30.24
C PHE A 819 -23.66 1.72 -31.30
N PHE A 820 -22.56 1.97 -32.04
CA PHE A 820 -22.10 1.01 -33.05
C PHE A 820 -21.64 -0.30 -32.41
N ILE A 821 -20.94 -0.23 -31.29
CA ILE A 821 -20.43 -1.44 -30.64
C ILE A 821 -21.59 -2.26 -30.09
N LEU A 822 -22.60 -1.60 -29.51
CA LEU A 822 -23.81 -2.30 -29.08
C LEU A 822 -24.56 -2.91 -30.26
N LEU A 823 -24.57 -2.22 -31.40
CA LEU A 823 -25.22 -2.74 -32.60
C LEU A 823 -24.53 -3.99 -33.11
N VAL A 824 -23.20 -4.04 -33.02
CA VAL A 824 -22.48 -5.25 -33.43
C VAL A 824 -22.70 -6.39 -32.42
N LEU A 825 -22.65 -6.10 -31.12
CA LEU A 825 -22.67 -7.17 -30.13
C LEU A 825 -24.05 -7.82 -29.96
N TYR A 826 -25.11 -7.02 -29.97
CA TYR A 826 -26.44 -7.52 -29.57
C TYR A 826 -27.01 -8.68 -30.41
N PRO A 827 -26.89 -8.72 -31.77
CA PRO A 827 -27.32 -9.95 -32.46
C PRO A 827 -26.30 -11.06 -32.48
N VAL A 828 -25.27 -11.01 -31.64
CA VAL A 828 -24.29 -12.10 -31.58
C VAL A 828 -24.17 -12.64 -30.16
N VAL A 829 -23.79 -11.80 -29.20
CA VAL A 829 -23.52 -12.31 -27.85
C VAL A 829 -24.85 -12.53 -27.10
N ASP A 830 -25.87 -11.72 -27.37
CA ASP A 830 -27.08 -11.69 -26.57
C ASP A 830 -28.23 -12.48 -27.21
N VAL A 831 -28.47 -12.30 -28.50
CA VAL A 831 -29.50 -13.05 -29.22
C VAL A 831 -28.80 -13.92 -30.26
N LYS A 832 -29.20 -15.20 -30.31
CA LYS A 832 -28.90 -16.15 -31.39
C LYS A 832 -27.38 -16.35 -31.53
N GLY A 833 -26.86 -17.04 -30.51
CA GLY A 833 -25.45 -16.95 -30.19
C GLY A 833 -24.56 -17.56 -31.28
N LEU A 834 -23.49 -16.82 -31.59
CA LEU A 834 -22.42 -17.30 -32.45
C LEU A 834 -21.09 -17.24 -31.72
N TRP A 835 -21.12 -16.76 -30.48
CA TRP A 835 -19.95 -16.58 -29.65
C TRP A 835 -20.51 -16.65 -28.24
N THR A 836 -19.75 -17.21 -27.32
CA THR A 836 -20.28 -17.40 -25.98
C THR A 836 -19.91 -16.22 -25.09
N GLY A 837 -19.18 -15.27 -25.66
CA GLY A 837 -18.61 -14.14 -24.96
C GLY A 837 -17.76 -14.52 -23.78
N THR A 838 -17.02 -15.66 -23.82
CA THR A 838 -16.44 -16.20 -22.59
C THR A 838 -15.39 -15.31 -21.95
N PRO A 839 -14.37 -14.77 -22.64
CA PRO A 839 -13.67 -13.64 -22.03
C PRO A 839 -14.55 -12.40 -22.14
N PHE A 840 -14.34 -11.48 -21.19
CA PHE A 840 -14.88 -10.12 -21.01
C PHE A 840 -16.23 -10.00 -20.30
N PHE A 841 -16.83 -11.06 -19.74
CA PHE A 841 -17.90 -10.78 -18.79
C PHE A 841 -17.50 -11.19 -17.38
N TYR A 842 -16.48 -12.04 -17.26
CA TYR A 842 -15.95 -12.39 -15.94
C TYR A 842 -15.44 -11.17 -15.17
N PRO A 843 -14.69 -10.21 -15.74
CA PRO A 843 -14.49 -8.95 -15.00
C PRO A 843 -15.73 -8.06 -14.98
N GLY A 844 -16.66 -8.23 -15.93
CA GLY A 844 -17.77 -7.31 -16.06
C GLY A 844 -18.71 -7.33 -14.89
N MET A 845 -18.91 -8.51 -14.29
CA MET A 845 -19.79 -8.59 -13.13
C MET A 845 -19.16 -7.87 -11.93
N ASN A 846 -17.84 -8.04 -11.71
CA ASN A 846 -17.18 -7.37 -10.59
C ASN A 846 -16.27 -6.27 -11.12
N SER A 847 -16.74 -5.03 -11.09
CA SER A 847 -15.93 -3.91 -11.57
C SER A 847 -15.24 -3.16 -10.44
N ILE A 848 -15.96 -2.94 -9.34
CA ILE A 848 -15.42 -2.16 -8.23
C ILE A 848 -14.28 -2.90 -7.53
N LEU A 849 -14.35 -4.24 -7.44
CA LEU A 849 -13.24 -5.01 -6.86
C LEU A 849 -11.99 -4.89 -7.71
N VAL A 850 -12.13 -4.97 -9.04
CA VAL A 850 -10.98 -4.86 -9.94
C VAL A 850 -10.37 -3.45 -9.86
N TYR A 851 -11.22 -2.42 -9.82
CA TYR A 851 -10.74 -1.04 -9.76
C TYR A 851 -9.97 -0.78 -8.46
N VAL A 852 -10.59 -1.08 -7.31
CA VAL A 852 -9.93 -0.88 -6.02
C VAL A 852 -8.71 -1.80 -5.89
N GLY A 853 -8.78 -3.00 -6.48
CA GLY A 853 -7.66 -3.92 -6.42
C GLY A 853 -6.42 -3.43 -7.16
N HIS A 854 -6.60 -2.87 -8.36
CA HIS A 854 -5.38 -2.41 -9.02
C HIS A 854 -4.92 -1.06 -8.47
N GLU A 855 -5.83 -0.28 -7.87
CA GLU A 855 -5.37 0.95 -7.23
C GLU A 855 -4.59 0.68 -5.94
N VAL A 856 -4.98 -0.35 -5.19
CA VAL A 856 -4.29 -0.64 -3.92
C VAL A 856 -3.08 -1.55 -4.12
N PHE A 857 -3.19 -2.56 -4.98
CA PHE A 857 -2.16 -3.60 -5.12
C PHE A 857 -1.27 -3.37 -6.33
N GLU A 858 -0.97 -2.11 -6.67
CA GLU A 858 -0.29 -1.81 -7.93
C GLU A 858 1.19 -2.23 -7.91
N ASN A 859 1.87 -2.07 -6.78
CA ASN A 859 3.30 -2.32 -6.72
C ASN A 859 3.66 -3.75 -6.30
N TYR A 860 2.68 -4.64 -6.15
CA TYR A 860 2.95 -5.95 -5.58
C TYR A 860 3.59 -6.88 -6.63
N PHE A 861 4.14 -8.00 -6.14
CA PHE A 861 5.07 -8.82 -6.93
C PHE A 861 4.50 -9.45 -8.21
N PRO A 862 3.33 -10.12 -8.24
CA PRO A 862 2.90 -10.70 -9.53
C PRO A 862 2.58 -9.67 -10.60
N PHE A 863 2.12 -8.49 -10.20
CA PHE A 863 1.82 -7.44 -11.17
C PHE A 863 3.07 -6.69 -11.60
N GLN A 864 4.00 -6.44 -10.68
CA GLN A 864 5.18 -5.63 -10.99
C GLN A 864 6.42 -6.25 -10.38
N TRP A 865 7.54 -6.17 -11.11
CA TRP A 865 8.83 -6.61 -10.58
C TRP A 865 9.92 -5.71 -11.14
N LYS A 866 11.10 -5.79 -10.51
CA LYS A 866 12.24 -4.98 -10.92
C LYS A 866 12.73 -5.40 -12.30
N LEU A 867 13.03 -4.41 -13.14
CA LEU A 867 13.43 -4.61 -14.53
C LEU A 867 14.92 -4.34 -14.68
N LYS A 868 15.66 -5.30 -15.20
CA LYS A 868 17.12 -5.13 -15.25
C LYS A 868 17.59 -4.41 -16.51
N ASP A 869 16.68 -4.09 -17.45
CA ASP A 869 16.92 -3.03 -18.43
C ASP A 869 15.74 -2.07 -18.39
N ASN A 870 16.01 -0.82 -18.07
CA ASN A 870 14.97 0.18 -17.89
C ASN A 870 14.62 0.95 -19.16
N GLN A 871 15.32 0.71 -20.27
CA GLN A 871 15.18 1.52 -21.47
C GLN A 871 14.71 0.68 -22.67
N SER A 872 13.76 -0.22 -22.46
CA SER A 872 13.20 -0.99 -23.56
C SER A 872 11.68 -1.03 -23.49
N HIS A 873 11.04 -0.72 -24.62
CA HIS A 873 9.59 -0.84 -24.72
C HIS A 873 9.19 -2.31 -24.64
N LYS A 874 10.01 -3.14 -25.28
CA LYS A 874 9.83 -4.58 -25.36
C LYS A 874 9.83 -5.23 -23.99
N GLU A 875 10.63 -4.69 -23.06
CA GLU A 875 10.83 -5.31 -21.76
C GLU A 875 9.66 -5.02 -20.80
N HIS A 876 9.02 -3.86 -20.97
CA HIS A 876 7.84 -3.43 -20.21
C HIS A 876 6.54 -4.10 -20.67
N LEU A 877 6.40 -4.31 -21.98
CA LEU A 877 5.14 -4.74 -22.58
C LEU A 877 4.69 -6.10 -22.06
N THR A 878 5.64 -7.04 -21.93
CA THR A 878 5.32 -8.38 -21.45
C THR A 878 4.82 -8.34 -20.02
N GLN A 879 5.45 -7.50 -19.19
CA GLN A 879 5.05 -7.36 -17.78
C GLN A 879 3.63 -6.80 -17.65
N ASN A 880 3.30 -5.78 -18.46
CA ASN A 880 1.95 -5.22 -18.42
C ASN A 880 0.91 -6.23 -18.93
N ILE A 881 1.25 -6.99 -19.98
CA ILE A 881 0.34 -8.00 -20.53
C ILE A 881 0.08 -9.10 -19.51
N VAL A 882 1.13 -9.56 -18.81
CA VAL A 882 0.97 -10.59 -17.79
C VAL A 882 0.12 -10.09 -16.62
N ALA A 883 0.29 -8.82 -16.23
CA ALA A 883 -0.52 -8.26 -15.15
C ALA A 883 -2.01 -8.19 -15.52
N THR A 884 -2.31 -7.79 -16.76
CA THR A 884 -3.70 -7.77 -17.23
C THR A 884 -4.30 -9.19 -17.27
N ALA A 885 -3.52 -10.16 -17.74
CA ALA A 885 -4.00 -11.55 -17.80
C ALA A 885 -4.25 -12.11 -16.40
N LEU A 886 -3.41 -11.74 -15.43
CA LEU A 886 -3.61 -12.18 -14.06
C LEU A 886 -4.89 -11.60 -13.47
N TRP A 887 -5.19 -10.32 -13.77
CA TRP A 887 -6.46 -9.77 -13.28
C TRP A 887 -7.67 -10.44 -13.91
N VAL A 888 -7.58 -10.81 -15.19
CA VAL A 888 -8.66 -11.57 -15.82
C VAL A 888 -8.82 -12.94 -15.15
N LEU A 889 -7.71 -13.58 -14.78
CA LEU A 889 -7.78 -14.87 -14.09
C LEU A 889 -8.43 -14.76 -12.72
N ILE A 890 -8.09 -13.71 -11.96
CA ILE A 890 -8.70 -13.49 -10.64
C ILE A 890 -10.21 -13.25 -10.79
N ALA A 891 -10.60 -12.50 -11.83
CA ALA A 891 -12.02 -12.30 -12.09
C ALA A 891 -12.74 -13.60 -12.43
N TYR A 892 -12.08 -14.48 -13.18
CA TYR A 892 -12.65 -15.79 -13.52
C TYR A 892 -12.84 -16.68 -12.29
N ILE A 893 -11.86 -16.70 -11.38
CA ILE A 893 -11.96 -17.50 -10.15
C ILE A 893 -13.13 -17.06 -9.28
N LEU A 894 -13.34 -15.74 -9.14
CA LEU A 894 -14.44 -15.21 -8.36
C LEU A 894 -15.81 -15.51 -8.97
N TYR A 895 -15.91 -15.60 -10.29
CA TYR A 895 -17.18 -15.97 -10.92
C TYR A 895 -17.61 -17.38 -10.53
N ARG A 896 -16.68 -18.33 -10.58
CA ARG A 896 -16.99 -19.72 -10.22
C ARG A 896 -17.31 -19.85 -8.73
N LYS A 897 -16.68 -19.03 -7.88
CA LYS A 897 -16.96 -19.05 -6.46
C LYS A 897 -18.18 -18.24 -6.08
N LYS A 898 -18.83 -17.56 -7.03
CA LYS A 898 -20.13 -16.90 -6.88
C LYS A 898 -20.07 -15.81 -5.79
N ILE A 899 -18.97 -15.05 -5.78
CA ILE A 899 -18.84 -13.89 -4.91
C ILE A 899 -19.00 -12.62 -5.74
N PHE A 900 -20.08 -11.89 -5.50
CA PHE A 900 -20.36 -10.64 -6.20
C PHE A 900 -20.61 -9.55 -5.17
N TRP A 901 -19.95 -8.40 -5.32
CA TRP A 901 -20.12 -7.28 -4.40
C TRP A 901 -20.66 -6.10 -5.21
N LYS A 902 -21.64 -5.39 -4.63
CA LYS A 902 -22.22 -4.20 -5.26
C LYS A 902 -22.35 -3.08 -4.24
N ILE A 903 -21.70 -1.94 -4.52
CA ILE A 903 -21.73 -0.71 -3.72
C ILE A 903 -23.13 -0.29 -3.26
N LEU B 317 16.13 19.28 21.33
CA LEU B 317 15.90 18.19 22.27
C LEU B 317 14.77 17.27 21.80
N LYS B 318 15.11 16.00 21.62
CA LYS B 318 14.20 15.01 21.08
C LYS B 318 13.59 14.22 22.23
N MET B 319 12.80 13.19 21.90
CA MET B 319 12.18 12.36 22.93
C MET B 319 13.21 11.62 23.77
N ASP B 320 12.91 11.56 25.07
CA ASP B 320 13.72 10.88 26.10
C ASP B 320 15.16 11.39 26.09
N GLN B 321 15.29 12.70 26.30
CA GLN B 321 16.60 13.34 26.37
C GLN B 321 16.51 14.49 27.37
N ALA B 322 17.69 15.00 27.73
CA ALA B 322 17.80 16.06 28.74
C ALA B 322 19.13 16.77 28.52
N LEU B 323 19.08 18.07 28.25
CA LEU B 323 20.29 18.81 27.96
C LEU B 323 21.11 18.95 29.24
N LEU B 324 22.36 18.49 29.18
CA LEU B 324 23.29 18.55 30.30
C LEU B 324 24.47 19.38 29.84
N LEU B 325 24.57 20.60 30.35
CA LEU B 325 25.73 21.46 30.11
C LEU B 325 26.66 21.43 31.32
N ILE B 326 27.95 21.24 31.05
CA ILE B 326 28.96 20.98 32.07
C ILE B 326 29.85 22.21 32.18
N HIS B 327 30.13 22.63 33.42
CA HIS B 327 31.05 23.73 33.70
C HIS B 327 32.23 23.17 34.47
N ASN B 328 33.44 23.38 33.94
CA ASN B 328 34.68 22.95 34.57
C ASN B 328 35.52 24.17 34.89
N GLU B 329 36.08 24.22 36.10
CA GLU B 329 36.78 25.42 36.56
C GLU B 329 38.28 25.24 36.77
N LEU B 330 38.75 24.00 36.98
CA LEU B 330 40.15 23.63 37.20
C LEU B 330 41.10 24.34 36.25
N LEU B 331 42.31 24.68 36.69
CA LEU B 331 43.21 25.45 35.84
C LEU B 331 43.77 24.63 34.69
N TRP B 332 44.48 23.53 34.97
CA TRP B 332 45.14 22.80 33.88
C TRP B 332 44.83 21.31 33.95
N THR B 333 43.64 20.91 33.49
CA THR B 333 43.23 19.51 33.35
C THR B 333 42.20 19.45 32.23
N ASN B 334 42.58 18.96 31.06
CA ASN B 334 41.61 18.90 29.98
C ASN B 334 40.84 17.60 30.18
N LEU B 335 39.51 17.68 30.13
CA LEU B 335 38.66 16.65 30.71
C LEU B 335 37.94 15.84 29.62
N THR B 336 37.68 14.58 29.93
CA THR B 336 36.85 13.69 29.12
C THR B 336 35.68 13.22 29.96
N VAL B 337 34.49 13.23 29.37
CA VAL B 337 33.27 12.77 30.03
C VAL B 337 32.85 11.51 29.31
N TYR B 338 32.61 10.45 30.06
CA TYR B 338 32.21 9.16 29.52
C TYR B 338 30.76 8.88 29.90
N TRP B 339 30.17 7.85 29.27
CA TRP B 339 28.76 7.53 29.52
C TRP B 339 28.52 6.04 29.34
N LYS B 340 27.59 5.51 30.14
CA LYS B 340 27.08 4.15 30.02
C LYS B 340 25.78 4.06 30.80
N SER B 341 24.77 3.42 30.19
CA SER B 341 23.46 3.31 30.84
C SER B 341 23.50 2.28 31.97
N GLU B 342 22.45 2.25 32.77
CA GLU B 342 22.43 1.40 33.95
C GLU B 342 21.89 0.01 33.66
N CYS B 343 21.15 -0.14 32.56
CA CYS B 343 20.55 -1.42 32.23
C CYS B 343 21.46 -2.29 31.35
N CYS B 344 22.39 -1.69 30.60
CA CYS B 344 23.20 -2.40 29.63
C CYS B 344 24.19 -3.32 30.36
N TYR B 345 24.32 -4.56 29.87
CA TYR B 345 25.00 -5.63 30.61
C TYR B 345 26.41 -5.87 30.05
N HIS B 346 27.42 -5.65 30.90
CA HIS B 346 28.86 -5.72 30.58
C HIS B 346 29.20 -4.90 29.33
N CYS B 347 29.03 -3.60 29.49
CA CYS B 347 29.18 -2.64 28.40
C CYS B 347 30.31 -1.67 28.66
N LEU B 348 31.06 -1.36 27.61
CA LEU B 348 32.23 -0.50 27.71
C LEU B 348 31.79 0.95 27.78
N PHE B 349 32.72 1.84 28.15
CA PHE B 349 32.42 3.27 28.25
C PHE B 349 32.76 3.95 26.93
N GLN B 350 31.77 4.60 26.31
CA GLN B 350 32.03 5.37 25.10
C GLN B 350 32.26 6.83 25.51
N VAL B 351 32.23 7.77 24.56
CA VAL B 351 32.53 9.18 24.87
C VAL B 351 31.24 10.00 24.78
N LEU B 352 31.15 11.05 25.60
CA LEU B 352 30.04 11.99 25.54
C LEU B 352 30.41 13.41 25.10
N VAL B 353 31.43 14.02 25.71
CA VAL B 353 31.86 15.38 25.37
C VAL B 353 33.30 15.55 25.87
N ASN B 354 34.08 16.43 25.20
CA ASN B 354 35.42 16.71 25.70
C ASN B 354 35.57 18.19 26.07
N VAL B 355 35.34 18.55 27.33
CA VAL B 355 35.31 19.97 27.72
C VAL B 355 36.72 20.56 27.58
N PRO B 356 36.89 21.84 27.30
CA PRO B 356 38.24 22.40 27.14
C PRO B 356 38.78 22.95 28.45
N GLN B 357 40.09 23.20 28.47
CA GLN B 357 40.77 23.61 29.69
C GLN B 357 40.39 25.06 30.00
N SER B 358 40.41 25.45 31.29
CA SER B 358 40.21 26.85 31.66
C SER B 358 41.23 27.75 30.97
N PRO B 359 40.78 28.61 30.06
CA PRO B 359 41.72 29.46 29.32
C PRO B 359 42.33 30.57 30.15
N LYS B 360 41.53 31.19 31.03
CA LYS B 360 41.98 32.28 31.87
C LYS B 360 41.51 32.06 33.29
N ALA B 361 42.10 32.84 34.21
CA ALA B 361 41.80 32.71 35.62
C ALA B 361 40.41 33.24 35.93
N GLY B 362 39.58 32.42 36.55
CA GLY B 362 38.24 32.83 36.94
C GLY B 362 37.23 32.86 35.83
N LYS B 363 37.54 32.31 34.66
CA LYS B 363 36.64 32.29 33.51
C LYS B 363 36.50 30.85 33.02
N PRO B 364 35.61 30.08 33.65
CA PRO B 364 35.56 28.63 33.37
C PRO B 364 34.99 28.32 31.98
N SER B 365 35.52 27.26 31.38
CA SER B 365 35.04 26.78 30.09
C SER B 365 33.79 25.92 30.24
N ALA B 366 32.98 25.88 29.18
CA ALA B 366 31.70 25.19 29.22
C ALA B 366 31.46 24.39 27.95
N ALA B 367 30.67 23.32 28.07
CA ALA B 367 30.33 22.44 26.97
C ALA B 367 28.87 22.02 27.10
N ALA B 368 28.32 21.51 26.00
CA ALA B 368 26.93 21.08 25.92
C ALA B 368 26.85 19.61 25.49
N ALA B 369 25.92 18.87 26.09
CA ALA B 369 25.69 17.47 25.72
C ALA B 369 24.27 17.09 26.06
N SER B 370 23.84 15.94 25.54
CA SER B 370 22.50 15.39 25.76
C SER B 370 22.58 13.98 26.33
N VAL B 371 21.82 13.72 27.40
CA VAL B 371 21.80 12.42 28.06
C VAL B 371 20.38 11.84 28.00
N SER B 372 20.29 10.55 27.68
CA SER B 372 19.00 9.88 27.56
C SER B 372 18.39 9.63 28.94
N THR B 373 17.08 9.77 29.02
CA THR B 373 16.35 9.64 30.28
C THR B 373 15.52 8.37 30.39
N GLN B 374 15.64 7.45 29.44
CA GLN B 374 14.85 6.21 29.49
C GLN B 374 15.27 5.32 30.66
N HIS B 375 16.57 5.22 30.89
CA HIS B 375 17.13 4.50 32.04
C HIS B 375 18.21 5.35 32.69
N GLY B 376 18.61 4.93 33.89
CA GLY B 376 19.58 5.68 34.67
C GLY B 376 20.93 5.76 33.99
N SER B 377 21.72 6.76 34.41
CA SER B 377 22.97 7.09 33.75
C SER B 377 24.13 7.00 34.73
N ILE B 378 25.27 6.53 34.23
CA ILE B 378 26.53 6.50 34.95
C ILE B 378 27.49 7.39 34.17
N LEU B 379 27.99 8.44 34.82
CA LEU B 379 28.82 9.42 34.15
C LEU B 379 30.18 9.46 34.82
N GLN B 380 31.23 9.34 34.03
CA GLN B 380 32.60 9.28 34.53
C GLN B 380 33.45 10.37 33.89
N LEU B 381 34.26 11.04 34.71
CA LEU B 381 35.22 12.03 34.25
C LEU B 381 36.56 11.36 34.45
N ASN B 382 37.43 11.37 33.44
CA ASN B 382 38.61 10.54 33.63
C ASN B 382 39.93 11.24 33.29
N ASP B 383 39.90 12.54 32.94
CA ASP B 383 40.96 13.46 32.49
C ASP B 383 41.41 13.06 31.07
N THR B 384 42.39 13.72 30.46
CA THR B 384 42.85 13.33 29.13
C THR B 384 44.27 12.80 29.15
N LEU B 385 45.17 13.46 29.88
CA LEU B 385 46.58 13.11 29.88
C LEU B 385 46.83 11.87 30.73
N GLU B 386 46.11 11.73 31.83
CA GLU B 386 46.33 10.70 32.82
C GLU B 386 45.14 9.75 32.90
N GLU B 387 45.03 8.99 33.99
CA GLU B 387 43.99 8.01 34.15
C GLU B 387 43.20 8.13 35.43
N LYS B 388 43.73 8.80 36.46
CA LYS B 388 43.05 8.98 37.74
C LYS B 388 41.67 9.61 37.56
N GLU B 389 40.64 8.94 38.06
CA GLU B 389 39.27 9.39 37.84
C GLU B 389 39.02 10.64 38.67
N VAL B 390 38.68 11.75 38.00
CA VAL B 390 38.42 12.99 38.75
C VAL B 390 37.16 12.87 39.60
N CYS B 391 36.06 12.39 39.03
CA CYS B 391 34.83 12.08 39.74
C CYS B 391 33.97 11.10 38.95
N ARG B 392 33.02 10.52 39.65
CA ARG B 392 31.97 9.67 39.11
C ARG B 392 30.68 10.04 39.82
N LEU B 393 29.57 10.14 39.08
CA LEU B 393 28.28 10.17 39.72
C LEU B 393 27.30 9.27 38.97
N GLU B 394 26.41 8.65 39.72
CA GLU B 394 25.35 7.79 39.21
C GLU B 394 24.02 8.39 39.61
N TYR B 395 23.19 8.76 38.63
CA TYR B 395 21.94 9.43 38.97
C TYR B 395 21.00 9.17 37.79
N ARG B 396 19.73 9.54 37.96
CA ARG B 396 18.67 9.37 36.98
C ARG B 396 18.17 10.75 36.55
N PHE B 397 18.03 10.95 35.25
CA PHE B 397 17.69 12.26 34.69
C PHE B 397 16.26 12.23 34.17
N GLY B 398 15.54 13.36 34.35
CA GLY B 398 14.21 13.49 33.79
C GLY B 398 14.20 14.19 32.43
N GLU B 399 13.08 14.03 31.72
CA GLU B 399 12.94 14.54 30.36
C GLU B 399 12.85 16.07 30.31
N PHE B 400 13.46 16.67 29.28
CA PHE B 400 13.49 18.12 28.98
C PHE B 400 13.85 18.99 30.18
N GLY B 401 14.98 18.69 30.80
CA GLY B 401 15.44 19.48 31.94
C GLY B 401 16.82 20.11 31.83
N ASN B 402 16.93 21.42 31.99
CA ASN B 402 18.27 21.98 32.25
C ASN B 402 18.92 21.47 33.51
N TYR B 403 19.91 20.61 33.40
CA TYR B 403 20.68 20.21 34.55
C TYR B 403 22.06 20.83 34.39
N SER B 404 22.71 21.11 35.52
CA SER B 404 23.98 21.83 35.53
C SER B 404 24.98 21.09 36.40
N LEU B 405 26.01 20.52 35.78
CA LEU B 405 27.06 19.84 36.50
C LEU B 405 28.25 20.76 36.63
N LEU B 406 28.71 20.94 37.87
CA LEU B 406 29.84 21.77 38.18
C LEU B 406 30.91 20.90 38.82
N VAL B 407 32.13 20.96 38.27
CA VAL B 407 33.29 20.32 38.87
C VAL B 407 34.26 21.42 39.28
N LYS B 408 34.70 21.38 40.53
CA LYS B 408 35.48 22.47 41.09
C LYS B 408 36.63 21.88 41.90
N ASN B 409 37.34 22.75 42.61
CA ASN B 409 38.43 22.38 43.49
C ASN B 409 38.11 22.85 44.90
N ILE B 410 38.36 21.98 45.87
CA ILE B 410 38.04 22.26 47.27
C ILE B 410 39.27 22.89 47.92
N HIS B 411 39.10 24.09 48.47
CA HIS B 411 40.22 24.84 49.02
C HIS B 411 40.72 24.26 50.34
N ASN B 412 39.82 23.69 51.14
CA ASN B 412 40.15 23.31 52.51
C ASN B 412 41.07 22.09 52.56
N GLY B 413 42.10 22.18 53.41
CA GLY B 413 43.00 21.07 53.66
C GLY B 413 43.83 20.72 52.45
N VAL B 414 43.95 19.41 52.17
CA VAL B 414 44.63 18.94 50.99
C VAL B 414 43.79 19.26 49.75
N SER B 415 44.46 19.28 48.60
CA SER B 415 43.77 19.54 47.34
C SER B 415 42.84 18.37 47.03
N GLU B 416 41.59 18.69 46.74
CA GLU B 416 40.56 17.69 46.51
C GLU B 416 39.64 18.19 45.40
N ILE B 417 38.99 17.24 44.74
CA ILE B 417 38.16 17.53 43.59
C ILE B 417 36.76 17.01 43.91
N ALA B 418 35.77 17.89 43.83
CA ALA B 418 34.40 17.53 44.15
C ALA B 418 33.46 18.00 43.05
N CYS B 419 32.35 17.27 42.87
CA CYS B 419 31.36 17.55 41.84
C CYS B 419 29.99 17.77 42.48
N ASP B 420 29.34 18.87 42.10
CA ASP B 420 27.99 19.18 42.57
C ASP B 420 27.09 19.38 41.37
N LEU B 421 25.92 18.76 41.39
CA LEU B 421 24.94 18.84 40.33
C LEU B 421 23.69 19.57 40.83
N ALA B 422 23.29 20.62 40.14
CA ALA B 422 22.15 21.44 40.55
C ALA B 422 21.12 21.49 39.42
N VAL B 423 19.85 21.32 39.77
CA VAL B 423 18.79 21.35 38.77
C VAL B 423 18.40 22.80 38.50
N ASN B 424 18.50 23.21 37.25
CA ASN B 424 18.04 24.55 36.90
C ASN B 424 16.55 24.58 36.59
N GLU B 425 16.12 23.81 35.59
CA GLU B 425 14.71 23.63 35.27
C GLU B 425 14.28 22.23 35.65
N ASP B 426 13.15 22.10 36.36
CA ASP B 426 12.64 20.77 36.69
C ASP B 426 12.15 20.03 35.46
N PRO B 427 12.25 18.70 35.45
CA PRO B 427 11.80 17.92 34.29
C PRO B 427 10.29 17.81 34.25
N VAL B 428 9.79 17.09 33.25
CA VAL B 428 8.36 16.88 33.06
C VAL B 428 8.05 15.40 33.26
N ASP B 429 7.08 15.13 34.12
CA ASP B 429 6.63 13.76 34.36
C ASP B 429 5.91 13.19 33.14
N SER B 430 6.24 11.94 32.80
CA SER B 430 5.87 11.33 31.52
C SER B 430 4.85 10.21 31.61
N ASN B 431 4.40 9.82 32.79
CA ASN B 431 3.42 8.74 32.90
C ASN B 431 2.01 9.26 33.15
N LEU B 432 1.86 10.58 33.16
CA LEU B 432 0.54 11.21 33.29
C LEU B 432 -0.47 10.83 32.19
N PRO B 433 -0.13 10.79 30.88
CA PRO B 433 -1.16 10.35 29.91
C PRO B 433 -1.60 8.91 30.07
N VAL B 434 -0.69 8.01 30.47
CA VAL B 434 -1.06 6.63 30.74
C VAL B 434 -2.02 6.55 31.92
N SER B 435 -1.71 7.30 33.00
CA SER B 435 -2.59 7.36 34.16
C SER B 435 -3.97 7.92 33.79
N ILE B 436 -3.99 9.04 33.05
CA ILE B 436 -5.24 9.68 32.64
C ILE B 436 -6.08 8.73 31.78
N ALA B 437 -5.43 8.06 30.81
CA ALA B 437 -6.15 7.15 29.91
C ALA B 437 -6.74 5.98 30.68
N PHE B 438 -6.03 5.48 31.70
CA PHE B 438 -6.52 4.25 32.32
C PHE B 438 -7.62 4.58 33.33
N LEU B 439 -7.55 5.76 33.97
CA LEU B 439 -8.69 6.26 34.75
C LEU B 439 -9.91 6.56 33.88
N ILE B 440 -9.71 7.14 32.68
CA ILE B 440 -10.86 7.41 31.81
C ILE B 440 -11.48 6.11 31.32
N GLY B 441 -10.65 5.08 31.07
CA GLY B 441 -11.20 3.76 30.75
C GLY B 441 -12.01 3.15 31.89
N LEU B 442 -11.51 3.30 33.13
CA LEU B 442 -12.26 2.83 34.29
C LEU B 442 -13.58 3.59 34.46
N ALA B 443 -13.57 4.90 34.22
CA ALA B 443 -14.78 5.71 34.33
C ALA B 443 -15.80 5.35 33.26
N VAL B 444 -15.33 5.06 32.05
CA VAL B 444 -16.22 4.62 30.97
C VAL B 444 -16.81 3.26 31.29
N ILE B 445 -16.03 2.37 31.91
CA ILE B 445 -16.56 1.07 32.34
C ILE B 445 -17.60 1.26 33.44
N ILE B 446 -17.36 2.20 34.36
CA ILE B 446 -18.31 2.46 35.44
C ILE B 446 -19.60 3.05 34.91
N VAL B 447 -19.52 3.91 33.89
CA VAL B 447 -20.72 4.45 33.26
C VAL B 447 -21.46 3.36 32.49
N ILE B 448 -20.72 2.46 31.84
CA ILE B 448 -21.34 1.42 31.02
C ILE B 448 -22.06 0.39 31.88
N SER B 449 -21.52 0.08 33.07
CA SER B 449 -22.09 -0.95 33.93
C SER B 449 -23.46 -0.56 34.46
N PHE B 450 -23.63 0.70 34.85
CA PHE B 450 -24.92 1.17 35.37
C PHE B 450 -25.34 2.46 34.70
N PRO B 505 -22.23 -29.03 16.08
CA PRO B 505 -20.85 -28.66 16.37
C PRO B 505 -20.73 -27.29 17.03
N PRO B 506 -20.95 -27.20 18.35
CA PRO B 506 -20.89 -25.91 19.03
C PRO B 506 -19.47 -25.36 19.10
N ARG B 507 -19.37 -24.05 19.12
CA ARG B 507 -18.10 -23.36 19.32
C ARG B 507 -17.91 -23.05 20.81
N LEU B 508 -16.65 -22.86 21.19
CA LEU B 508 -16.31 -22.58 22.58
C LEU B 508 -15.96 -21.11 22.74
N ARG B 509 -16.59 -20.46 23.70
CA ARG B 509 -16.48 -19.01 23.83
C ARG B 509 -15.15 -18.57 24.42
N SER B 510 -14.59 -19.37 25.33
CA SER B 510 -13.38 -18.97 26.07
C SER B 510 -12.17 -18.84 25.16
N VAL B 511 -12.04 -19.76 24.20
CA VAL B 511 -10.92 -19.74 23.25
C VAL B 511 -10.98 -18.48 22.38
N ASP B 512 -12.18 -18.14 21.90
CA ASP B 512 -12.36 -16.95 21.06
C ASP B 512 -12.09 -15.66 21.82
N THR B 513 -12.49 -15.58 23.09
CA THR B 513 -12.25 -14.40 23.91
C THR B 513 -10.75 -14.14 24.12
N PHE B 514 -9.99 -15.19 24.43
CA PHE B 514 -8.54 -15.09 24.64
C PHE B 514 -7.80 -14.64 23.38
N ARG B 515 -8.20 -15.18 22.22
CA ARG B 515 -7.60 -14.77 20.95
C ARG B 515 -7.88 -13.31 20.63
N GLY B 516 -9.07 -12.82 20.98
CA GLY B 516 -9.38 -11.41 20.73
C GLY B 516 -8.53 -10.45 21.55
N ILE B 517 -8.26 -10.81 22.81
CA ILE B 517 -7.36 -10.01 23.65
C ILE B 517 -5.97 -9.97 23.05
N ALA B 518 -5.49 -11.13 22.56
CA ALA B 518 -4.19 -11.18 21.90
C ALA B 518 -4.16 -10.32 20.63
N LEU B 519 -5.26 -10.31 19.88
CA LEU B 519 -5.34 -9.49 18.66
C LEU B 519 -5.33 -7.99 18.97
N ILE B 520 -6.07 -7.54 19.99
CA ILE B 520 -6.04 -6.10 20.27
C ILE B 520 -4.68 -5.67 20.80
N LEU B 521 -3.99 -6.55 21.57
CA LEU B 521 -2.65 -6.20 22.03
C LEU B 521 -1.68 -6.14 20.87
N MET B 522 -1.83 -7.05 19.91
CA MET B 522 -0.92 -7.07 18.77
C MET B 522 -1.13 -5.88 17.87
N VAL B 523 -2.38 -5.44 17.68
CA VAL B 523 -2.64 -4.29 16.82
C VAL B 523 -2.14 -3.01 17.48
N PHE B 524 -2.36 -2.88 18.79
CA PHE B 524 -1.91 -1.67 19.50
C PHE B 524 -0.39 -1.57 19.53
N VAL B 525 0.30 -2.67 19.88
CA VAL B 525 1.76 -2.63 19.96
C VAL B 525 2.39 -2.45 18.58
N ASN B 526 1.86 -3.09 17.53
CA ASN B 526 2.49 -2.97 16.22
C ASN B 526 2.25 -1.61 15.57
N TYR B 527 1.10 -0.99 15.79
CA TYR B 527 0.93 0.39 15.33
C TYR B 527 1.87 1.33 16.07
N GLY B 528 1.74 1.41 17.38
CA GLY B 528 2.64 2.21 18.18
C GLY B 528 2.36 2.05 19.65
N GLY B 529 3.41 1.99 20.46
CA GLY B 529 3.23 1.85 21.89
C GLY B 529 3.01 3.15 22.63
N GLY B 530 2.72 4.23 21.91
CA GLY B 530 2.85 5.55 22.50
C GLY B 530 4.28 6.01 22.59
N LYS B 531 5.18 5.37 21.82
CA LYS B 531 6.64 5.57 21.89
C LYS B 531 7.18 5.33 23.29
N TYR B 532 6.68 4.29 23.94
CA TYR B 532 7.04 3.93 25.31
C TYR B 532 7.90 2.68 25.28
N TRP B 533 8.86 2.60 26.21
CA TRP B 533 9.78 1.47 26.20
C TRP B 533 9.18 0.19 26.76
N TYR B 534 8.07 0.26 27.48
CA TYR B 534 7.44 -0.95 28.00
C TYR B 534 6.23 -1.38 27.18
N PHE B 535 6.08 -0.83 25.98
CA PHE B 535 5.17 -1.37 24.98
C PHE B 535 5.96 -1.65 23.70
N LYS B 536 7.07 -2.36 23.85
CA LYS B 536 8.05 -2.56 22.78
C LYS B 536 8.89 -3.76 23.16
N HIS B 537 9.39 -4.49 22.15
CA HIS B 537 10.25 -5.64 22.38
C HIS B 537 11.56 -5.23 23.03
N ALA B 538 11.98 -6.00 24.03
CA ALA B 538 13.24 -5.75 24.70
C ALA B 538 14.40 -6.07 23.78
N SER B 539 15.54 -5.39 24.02
CA SER B 539 16.70 -5.53 23.16
C SER B 539 17.29 -6.94 23.24
N TRP B 540 17.47 -7.45 24.45
CA TRP B 540 17.97 -8.80 24.66
C TRP B 540 17.65 -9.22 26.09
N ASN B 541 17.36 -10.51 26.25
CA ASN B 541 17.24 -11.18 27.56
C ASN B 541 16.19 -10.56 28.48
N GLY B 542 15.02 -10.23 27.93
CA GLY B 542 14.01 -9.56 28.73
C GLY B 542 12.60 -9.88 28.29
N LEU B 543 11.66 -9.54 29.18
CA LEU B 543 10.23 -9.74 28.94
C LEU B 543 9.50 -8.42 29.12
N THR B 544 8.71 -8.03 28.13
CA THR B 544 7.87 -6.85 28.20
C THR B 544 6.43 -7.19 27.87
N VAL B 545 5.57 -6.17 27.74
CA VAL B 545 4.19 -6.39 27.34
C VAL B 545 4.13 -6.89 25.89
N ALA B 546 5.04 -6.39 25.05
CA ALA B 546 5.05 -6.73 23.64
C ALA B 546 5.44 -8.19 23.39
N ASP B 547 6.30 -8.75 24.23
CA ASP B 547 6.81 -10.10 24.00
C ASP B 547 5.75 -11.17 24.25
N LEU B 548 4.75 -10.87 25.08
CA LEU B 548 3.79 -11.88 25.52
C LEU B 548 2.84 -12.33 24.43
N VAL B 549 2.62 -11.50 23.40
CA VAL B 549 1.48 -11.65 22.50
C VAL B 549 1.61 -12.88 21.61
N PHE B 550 2.76 -13.07 20.97
CA PHE B 550 2.95 -14.09 19.92
C PHE B 550 2.82 -15.55 20.37
N PRO B 551 3.40 -16.04 21.49
CA PRO B 551 3.24 -17.47 21.82
C PRO B 551 1.82 -17.93 22.10
N TRP B 552 0.97 -17.01 22.58
CA TRP B 552 -0.41 -17.35 22.90
C TRP B 552 -1.19 -17.76 21.66
N PHE B 553 -0.87 -17.15 20.51
CA PHE B 553 -1.49 -17.54 19.24
C PHE B 553 -1.15 -18.98 18.87
N VAL B 554 0.10 -19.39 19.10
CA VAL B 554 0.52 -20.76 18.81
C VAL B 554 -0.22 -21.75 19.73
N PHE B 555 -0.41 -21.37 21.00
CA PHE B 555 -1.10 -22.23 21.95
C PHE B 555 -2.58 -22.42 21.53
N ILE B 556 -3.23 -21.31 21.17
CA ILE B 556 -4.61 -21.36 20.66
C ILE B 556 -4.69 -22.18 19.38
N MET B 557 -3.68 -22.05 18.51
CA MET B 557 -3.66 -22.77 17.24
C MET B 557 -3.62 -24.27 17.46
N GLY B 558 -2.77 -24.74 18.38
CA GLY B 558 -2.72 -26.17 18.69
C GLY B 558 -4.02 -26.70 19.27
N SER B 559 -4.65 -25.92 20.16
CA SER B 559 -5.95 -26.31 20.69
C SER B 559 -6.99 -26.43 19.58
N SER B 560 -7.03 -25.44 18.67
CA SER B 560 -7.98 -25.46 17.56
C SER B 560 -7.71 -26.61 16.59
N ILE B 561 -6.45 -27.03 16.44
CA ILE B 561 -6.12 -28.22 15.64
C ILE B 561 -6.81 -29.45 16.22
N PHE B 562 -6.66 -29.68 17.53
CA PHE B 562 -7.30 -30.87 18.09
C PHE B 562 -8.83 -30.78 18.04
N LEU B 563 -9.39 -29.58 18.30
CA LEU B 563 -10.85 -29.44 18.33
C LEU B 563 -11.46 -29.65 16.94
N SER B 564 -10.79 -29.18 15.88
CA SER B 564 -11.29 -29.42 14.53
C SER B 564 -11.11 -30.88 14.14
N MET B 565 -9.92 -31.45 14.41
CA MET B 565 -9.57 -32.77 13.88
C MET B 565 -10.45 -33.86 14.48
N THR B 566 -10.77 -33.78 15.77
CA THR B 566 -11.62 -34.82 16.35
C THR B 566 -13.04 -34.76 15.75
N SER B 567 -13.52 -33.55 15.43
CA SER B 567 -14.86 -33.39 14.85
C SER B 567 -14.93 -33.85 13.40
N ILE B 568 -13.86 -33.69 12.63
CA ILE B 568 -13.90 -34.11 11.22
C ILE B 568 -13.73 -35.62 11.09
N LEU B 569 -12.89 -36.25 11.94
CA LEU B 569 -12.73 -37.70 11.90
C LEU B 569 -14.03 -38.43 12.28
N GLN B 570 -14.75 -37.91 13.28
CA GLN B 570 -16.11 -38.36 13.50
C GLN B 570 -16.97 -37.82 12.35
N ARG B 571 -18.11 -38.49 12.09
CA ARG B 571 -19.20 -38.45 11.09
C ARG B 571 -18.76 -39.21 9.83
N GLY B 572 -17.53 -39.69 9.76
CA GLY B 572 -17.05 -40.39 8.59
C GLY B 572 -16.18 -39.56 7.68
N CYS B 573 -14.87 -39.84 7.70
CA CYS B 573 -13.92 -39.16 6.82
C CYS B 573 -12.70 -40.05 6.67
N SER B 574 -11.84 -39.67 5.74
CA SER B 574 -10.63 -40.42 5.43
C SER B 574 -9.40 -39.55 5.66
N LYS B 575 -8.29 -40.19 6.03
CA LYS B 575 -7.07 -39.44 6.28
C LYS B 575 -6.50 -38.85 5.00
N PHE B 576 -6.66 -39.58 3.89
CA PHE B 576 -6.29 -39.09 2.55
C PHE B 576 -7.05 -37.82 2.20
N ARG B 577 -8.33 -37.75 2.59
CA ARG B 577 -9.10 -36.52 2.44
C ARG B 577 -8.48 -35.38 3.24
N LEU B 578 -8.12 -35.64 4.50
CA LEU B 578 -7.67 -34.54 5.36
C LEU B 578 -6.27 -34.04 5.05
N LEU B 579 -5.38 -34.91 4.56
CA LEU B 579 -3.98 -34.52 4.35
C LEU B 579 -3.83 -33.44 3.29
N GLY B 580 -4.68 -33.47 2.27
CA GLY B 580 -4.65 -32.42 1.26
C GLY B 580 -5.03 -31.07 1.82
N LYS B 581 -6.03 -31.05 2.72
CA LYS B 581 -6.43 -29.81 3.37
C LYS B 581 -5.29 -29.23 4.18
N ILE B 582 -4.59 -30.10 4.93
CA ILE B 582 -3.47 -29.66 5.74
C ILE B 582 -2.38 -29.08 4.86
N ALA B 583 -2.07 -29.80 3.77
CA ALA B 583 -1.01 -29.37 2.86
C ALA B 583 -1.37 -28.06 2.20
N TRP B 584 -2.64 -27.91 1.80
CA TRP B 584 -3.02 -26.70 1.09
C TRP B 584 -2.98 -25.49 2.01
N ARG B 585 -3.38 -25.67 3.27
CA ARG B 585 -3.33 -24.57 4.22
C ARG B 585 -1.90 -24.11 4.46
N SER B 586 -0.99 -25.07 4.60
CA SER B 586 0.42 -24.75 4.84
C SER B 586 1.00 -23.99 3.67
N PHE B 587 0.68 -24.44 2.44
CA PHE B 587 1.20 -23.79 1.24
C PHE B 587 0.71 -22.36 1.14
N LEU B 588 -0.57 -22.13 1.45
CA LEU B 588 -1.13 -20.80 1.32
C LEU B 588 -0.49 -19.84 2.32
N LEU B 589 -0.26 -20.30 3.55
CA LEU B 589 0.35 -19.42 4.55
C LEU B 589 1.77 -19.04 4.15
N ILE B 590 2.52 -20.01 3.62
CA ILE B 590 3.89 -19.75 3.16
C ILE B 590 3.88 -18.75 2.02
N CYS B 591 2.87 -18.86 1.14
CA CYS B 591 2.77 -17.91 0.03
C CYS B 591 2.40 -16.51 0.52
N ILE B 592 1.43 -16.40 1.45
CA ILE B 592 0.96 -15.09 1.89
C ILE B 592 2.05 -14.28 2.58
N GLY B 593 2.84 -14.92 3.45
CA GLY B 593 3.87 -14.21 4.19
C GLY B 593 4.97 -13.61 3.34
N ILE B 594 5.51 -14.38 2.39
CA ILE B 594 6.63 -13.91 1.57
C ILE B 594 6.17 -12.84 0.58
N ILE B 595 5.03 -13.04 -0.07
CA ILE B 595 4.62 -12.12 -1.12
C ILE B 595 4.09 -10.81 -0.56
N ILE B 596 3.30 -10.86 0.51
CA ILE B 596 2.52 -9.71 0.97
C ILE B 596 3.10 -9.08 2.23
N VAL B 597 3.27 -9.88 3.30
CA VAL B 597 3.52 -9.32 4.62
C VAL B 597 4.95 -8.79 4.75
N ASN B 598 5.95 -9.57 4.30
CA ASN B 598 7.34 -9.18 4.53
C ASN B 598 7.81 -7.94 3.77
N PRO B 599 7.72 -7.84 2.43
CA PRO B 599 8.47 -6.78 1.74
C PRO B 599 7.87 -5.39 1.91
N ASN B 600 8.75 -4.40 1.94
CA ASN B 600 8.38 -2.99 1.94
C ASN B 600 8.35 -2.50 0.50
N TYR B 601 7.15 -2.30 -0.04
CA TYR B 601 6.99 -1.98 -1.45
C TYR B 601 6.98 -0.49 -1.76
N CYS B 602 7.33 0.37 -0.80
CA CYS B 602 7.49 1.79 -1.12
C CYS B 602 8.92 2.13 -1.53
N LEU B 603 9.90 1.31 -1.16
CA LEU B 603 11.31 1.61 -1.35
C LEU B 603 11.85 1.12 -2.68
N GLY B 604 11.08 0.34 -3.44
CA GLY B 604 11.53 -0.18 -4.70
C GLY B 604 10.82 -1.46 -5.10
N PRO B 605 10.91 -1.83 -6.38
CA PRO B 605 10.34 -3.10 -6.83
C PRO B 605 11.09 -4.29 -6.23
N LEU B 606 10.35 -5.37 -6.01
CA LEU B 606 10.88 -6.56 -5.38
C LEU B 606 11.87 -7.27 -6.32
N SER B 607 13.03 -7.66 -5.79
CA SER B 607 14.00 -8.45 -6.56
C SER B 607 14.60 -9.56 -5.71
N TRP B 608 14.81 -10.73 -6.31
CA TRP B 608 15.53 -11.81 -5.66
C TRP B 608 17.01 -11.43 -5.51
N ASP B 609 17.64 -11.99 -4.47
CA ASP B 609 18.95 -11.79 -3.76
C ASP B 609 18.73 -10.73 -2.71
N LYS B 610 17.51 -10.20 -2.60
CA LYS B 610 17.14 -9.17 -1.64
C LYS B 610 15.76 -9.44 -1.05
N VAL B 611 15.31 -10.71 -1.06
CA VAL B 611 14.02 -11.10 -0.49
C VAL B 611 14.27 -11.76 0.87
N ARG B 612 13.38 -11.53 1.83
CA ARG B 612 13.56 -12.07 3.17
C ARG B 612 12.67 -13.30 3.23
N ILE B 613 13.28 -14.48 3.30
CA ILE B 613 12.54 -15.74 3.39
C ILE B 613 11.96 -16.03 4.78
N PRO B 614 12.69 -15.90 5.91
CA PRO B 614 12.07 -16.21 7.21
C PRO B 614 10.97 -15.22 7.59
N GLY B 615 9.90 -15.74 8.18
CA GLY B 615 8.77 -14.89 8.54
C GLY B 615 7.84 -15.59 9.49
N VAL B 616 6.90 -14.80 10.01
CA VAL B 616 5.98 -15.27 11.05
C VAL B 616 4.96 -16.26 10.47
N LEU B 617 4.47 -16.03 9.25
CA LEU B 617 3.47 -16.91 8.64
C LEU B 617 4.09 -18.21 8.16
N GLN B 618 5.34 -18.17 7.68
CA GLN B 618 6.05 -19.39 7.32
C GLN B 618 6.28 -20.26 8.54
N ARG B 619 6.65 -19.65 9.66
CA ARG B 619 6.82 -20.37 10.92
C ARG B 619 5.53 -21.03 11.39
N LEU B 620 4.42 -20.28 11.33
CA LEU B 620 3.12 -20.85 11.69
C LEU B 620 2.72 -21.99 10.77
N GLY B 621 2.99 -21.84 9.47
CA GLY B 621 2.65 -22.89 8.52
C GLY B 621 3.44 -24.17 8.72
N VAL B 622 4.75 -24.06 8.96
CA VAL B 622 5.55 -25.28 9.13
C VAL B 622 5.21 -25.98 10.45
N THR B 623 5.00 -25.22 11.55
CA THR B 623 4.65 -25.90 12.79
C THR B 623 3.25 -26.49 12.72
N TYR B 624 2.33 -25.84 11.99
CA TYR B 624 0.99 -26.37 11.77
C TYR B 624 1.04 -27.69 11.01
N PHE B 625 1.85 -27.74 9.95
CA PHE B 625 1.99 -28.96 9.16
C PHE B 625 2.52 -30.12 9.99
N VAL B 626 3.58 -29.87 10.79
CA VAL B 626 4.20 -30.94 11.55
C VAL B 626 3.25 -31.48 12.63
N VAL B 627 2.64 -30.59 13.42
CA VAL B 627 1.79 -31.12 14.50
C VAL B 627 0.49 -31.71 13.94
N ALA B 628 -0.05 -31.16 12.85
CA ALA B 628 -1.30 -31.67 12.28
C ALA B 628 -1.10 -33.07 11.70
N VAL B 629 -0.01 -33.27 10.94
CA VAL B 629 0.27 -34.59 10.39
C VAL B 629 0.58 -35.59 11.51
N LEU B 630 1.29 -35.12 12.55
CA LEU B 630 1.67 -36.02 13.64
C LEU B 630 0.47 -36.47 14.47
N GLU B 631 -0.50 -35.57 14.70
CA GLU B 631 -1.74 -36.00 15.35
C GLU B 631 -2.60 -36.86 14.44
N LEU B 632 -2.60 -36.58 13.13
CA LEU B 632 -3.45 -37.34 12.21
C LEU B 632 -2.99 -38.77 12.05
N LEU B 633 -1.67 -39.01 12.12
CA LEU B 633 -1.15 -40.37 11.99
C LEU B 633 -1.54 -41.26 13.16
N PHE B 634 -1.47 -40.76 14.39
CA PHE B 634 -1.64 -41.57 15.60
C PHE B 634 -2.97 -41.36 16.29
N ALA B 635 -4.00 -40.96 15.54
CA ALA B 635 -5.29 -40.62 16.14
C ALA B 635 -6.01 -41.85 16.67
N LYS B 636 -6.60 -41.71 17.84
CA LYS B 636 -7.40 -42.75 18.47
C LYS B 636 -8.75 -42.16 18.89
N PRO B 637 -9.82 -42.94 18.86
CA PRO B 637 -11.12 -42.38 19.23
C PRO B 637 -11.16 -42.06 20.71
N VAL B 638 -11.92 -41.00 21.02
CA VAL B 638 -12.07 -40.52 22.39
C VAL B 638 -12.89 -41.49 23.23
N PRO B 639 -12.35 -41.94 24.36
CA PRO B 639 -13.10 -42.97 25.15
C PRO B 639 -14.33 -42.34 25.84
N GLU B 640 -15.46 -43.05 25.75
CA GLU B 640 -16.65 -42.65 26.49
C GLU B 640 -16.48 -42.87 27.99
N HIS B 641 -17.10 -41.98 28.78
CA HIS B 641 -17.05 -41.97 30.25
C HIS B 641 -15.60 -41.91 30.73
N CYS B 642 -14.81 -41.06 30.08
CA CYS B 642 -13.41 -40.89 30.40
C CYS B 642 -13.22 -40.18 31.73
N ALA B 643 -14.19 -39.36 32.13
CA ALA B 643 -14.07 -38.56 33.34
C ALA B 643 -14.11 -39.44 34.59
N SER B 644 -13.30 -39.06 35.57
CA SER B 644 -13.27 -39.72 36.86
C SER B 644 -13.02 -38.66 37.93
N GLU B 645 -12.92 -39.12 39.18
CA GLU B 645 -12.52 -38.24 40.26
C GLU B 645 -11.05 -37.87 40.12
N ARG B 646 -10.67 -36.78 40.80
CA ARG B 646 -9.31 -36.26 40.70
C ARG B 646 -8.31 -37.25 41.28
N SER B 647 -7.23 -37.47 40.52
CA SER B 647 -6.14 -38.45 40.69
C SER B 647 -6.59 -39.89 40.45
N CYS B 648 -7.85 -40.13 40.08
CA CYS B 648 -8.33 -41.48 39.78
C CYS B 648 -8.48 -41.74 38.29
N LEU B 649 -8.05 -40.80 37.43
CA LEU B 649 -8.20 -40.98 35.99
C LEU B 649 -7.22 -41.99 35.43
N SER B 650 -6.12 -42.25 36.16
CA SER B 650 -4.93 -43.01 35.74
C SER B 650 -4.16 -42.32 34.63
N LEU B 651 -4.36 -40.99 34.50
CA LEU B 651 -3.71 -40.15 33.49
C LEU B 651 -3.95 -40.65 32.07
N ARG B 652 -5.23 -40.92 31.77
CA ARG B 652 -5.59 -41.63 30.54
C ARG B 652 -5.34 -40.76 29.31
N ASP B 653 -5.53 -39.45 29.49
CA ASP B 653 -5.17 -38.46 28.48
C ASP B 653 -3.67 -38.49 28.19
N ILE B 654 -2.85 -38.64 29.24
CA ILE B 654 -1.40 -38.72 29.04
C ILE B 654 -1.03 -40.00 28.31
N THR B 655 -1.55 -41.14 28.78
CA THR B 655 -1.13 -42.43 28.26
C THR B 655 -1.73 -42.78 26.90
N SER B 656 -2.69 -42.00 26.42
CA SER B 656 -3.16 -42.22 25.05
C SER B 656 -2.25 -41.59 24.02
N SER B 657 -1.33 -40.71 24.42
CA SER B 657 -0.43 -40.01 23.52
C SER B 657 1.01 -40.51 23.64
N TRP B 658 1.19 -41.75 24.12
CA TRP B 658 2.50 -42.35 24.38
C TRP B 658 3.52 -42.28 23.23
N PRO B 659 3.20 -42.58 21.94
CA PRO B 659 4.29 -42.45 20.95
C PRO B 659 4.65 -41.02 20.60
N GLN B 660 3.71 -40.08 20.65
CA GLN B 660 4.00 -38.73 20.20
C GLN B 660 4.77 -37.88 21.20
N TRP B 661 4.76 -38.22 22.49
CA TRP B 661 5.62 -37.52 23.44
C TRP B 661 7.10 -37.74 23.15
N LEU B 662 7.45 -38.95 22.68
CA LEU B 662 8.84 -39.33 22.53
C LEU B 662 9.55 -38.50 21.45
N LEU B 663 8.84 -38.22 20.35
CA LEU B 663 9.40 -37.42 19.27
C LEU B 663 9.68 -36.00 19.73
N ILE B 664 8.76 -35.42 20.52
CA ILE B 664 8.94 -34.08 21.06
C ILE B 664 10.15 -34.02 21.99
N LEU B 665 10.33 -35.08 22.81
CA LEU B 665 11.52 -35.15 23.67
C LEU B 665 12.82 -35.23 22.85
N VAL B 666 12.79 -36.00 21.75
CA VAL B 666 13.98 -36.10 20.89
C VAL B 666 14.30 -34.76 20.23
N LEU B 667 13.29 -34.05 19.74
CA LEU B 667 13.52 -32.72 19.16
C LEU B 667 14.06 -31.72 20.18
N GLU B 668 13.54 -31.75 21.42
CA GLU B 668 14.08 -30.85 22.45
C GLU B 668 15.52 -31.20 22.81
N GLY B 669 15.84 -32.50 22.87
CA GLY B 669 17.22 -32.90 23.07
C GLY B 669 18.15 -32.44 21.96
N LEU B 670 17.65 -32.47 20.72
CA LEU B 670 18.40 -31.94 19.59
C LEU B 670 18.65 -30.44 19.73
N TRP B 671 17.64 -29.69 20.17
CA TRP B 671 17.79 -28.24 20.28
C TRP B 671 18.81 -27.88 21.35
N LEU B 672 18.73 -28.55 22.50
CA LEU B 672 19.71 -28.34 23.58
C LEU B 672 21.13 -28.69 23.14
N GLY B 673 21.29 -29.87 22.51
CA GLY B 673 22.61 -30.31 22.11
C GLY B 673 23.22 -29.44 21.04
N LEU B 674 22.42 -29.03 20.05
CA LEU B 674 22.89 -28.17 18.97
C LEU B 674 23.29 -26.80 19.49
N THR B 675 22.45 -26.19 20.34
CA THR B 675 22.77 -24.85 20.83
C THR B 675 24.00 -24.85 21.74
N PHE B 676 24.07 -25.80 22.67
CA PHE B 676 25.21 -25.78 23.60
C PHE B 676 26.50 -26.34 23.01
N LEU B 677 26.46 -27.31 22.10
CA LEU B 677 27.67 -28.06 21.75
C LEU B 677 28.16 -27.94 20.31
N LEU B 678 27.45 -27.25 19.42
CA LEU B 678 27.90 -27.18 18.02
C LEU B 678 29.13 -26.29 17.89
N PRO B 679 30.18 -26.73 17.19
CA PRO B 679 31.32 -25.85 16.93
C PRO B 679 30.96 -24.81 15.87
N VAL B 680 31.34 -23.57 16.14
CA VAL B 680 31.08 -22.46 15.21
C VAL B 680 32.39 -21.72 15.02
N PRO B 681 32.78 -21.40 13.78
CA PRO B 681 34.08 -20.76 13.53
C PRO B 681 34.14 -19.35 14.09
N GLY B 682 35.25 -19.03 14.74
CA GLY B 682 35.47 -17.69 15.28
C GLY B 682 34.75 -17.38 16.58
N CYS B 683 33.44 -17.62 16.63
CA CYS B 683 32.65 -17.37 17.83
C CYS B 683 32.90 -18.49 18.85
N PRO B 684 32.56 -18.27 20.12
CA PRO B 684 32.57 -19.39 21.07
C PRO B 684 31.49 -20.41 20.74
N THR B 685 31.71 -21.65 21.19
CA THR B 685 30.94 -22.79 20.71
C THR B 685 29.46 -22.72 21.15
N GLY B 686 29.20 -22.44 22.43
CA GLY B 686 27.84 -22.18 22.85
C GLY B 686 27.72 -20.79 23.43
N TYR B 687 27.08 -19.88 22.70
CA TYR B 687 27.08 -18.47 23.07
C TYR B 687 25.65 -17.95 23.02
N LEU B 688 25.23 -17.26 24.07
CA LEU B 688 23.88 -16.72 24.13
C LEU B 688 23.82 -15.20 24.18
N GLY B 689 24.94 -14.53 24.40
CA GLY B 689 24.94 -13.09 24.57
C GLY B 689 24.86 -12.36 23.26
N PRO B 690 24.70 -11.05 23.33
CA PRO B 690 24.70 -10.21 22.14
C PRO B 690 26.13 -9.98 21.66
N GLY B 691 26.26 -9.27 20.55
CA GLY B 691 27.54 -8.89 20.03
C GLY B 691 27.86 -7.45 20.34
N GLY B 692 28.66 -6.84 19.46
CA GLY B 692 29.01 -5.43 19.55
C GLY B 692 29.68 -5.03 20.86
N ILE B 693 29.06 -4.07 21.54
CA ILE B 693 29.62 -3.54 22.79
C ILE B 693 29.43 -4.54 23.93
N GLY B 694 28.30 -5.25 23.93
CA GLY B 694 27.98 -6.17 25.01
C GLY B 694 28.96 -7.32 25.11
N ASP B 695 29.12 -7.82 26.35
CA ASP B 695 30.21 -8.71 26.79
C ASP B 695 31.59 -8.07 26.60
N PHE B 696 31.65 -6.75 26.80
CA PHE B 696 32.88 -5.95 26.87
C PHE B 696 33.58 -5.83 25.53
N GLY B 697 32.90 -6.11 24.42
CA GLY B 697 33.51 -6.00 23.12
C GLY B 697 34.63 -7.00 22.89
N LYS B 698 34.54 -8.16 23.54
CA LYS B 698 35.49 -9.23 23.31
C LYS B 698 35.16 -10.01 22.05
N TYR B 699 33.85 -10.21 21.83
CA TYR B 699 33.27 -10.87 20.66
C TYR B 699 32.45 -9.88 19.85
N PRO B 700 33.03 -9.15 18.90
CA PRO B 700 32.30 -8.01 18.32
C PRO B 700 31.28 -8.40 17.24
N ASN B 701 31.41 -9.58 16.65
CA ASN B 701 30.31 -10.26 15.95
C ASN B 701 29.63 -11.17 16.97
N CYS B 702 29.09 -12.30 16.52
CA CYS B 702 28.41 -13.29 17.38
C CYS B 702 27.17 -12.69 18.03
N THR B 703 26.27 -12.17 17.20
CA THR B 703 24.93 -11.90 17.70
C THR B 703 24.11 -13.18 17.82
N GLY B 704 24.11 -14.01 16.79
CA GLY B 704 23.26 -15.19 16.81
C GLY B 704 23.75 -16.31 17.71
N GLY B 705 25.04 -16.62 17.64
CA GLY B 705 25.51 -17.87 18.20
C GLY B 705 25.34 -19.01 17.21
N ALA B 706 25.15 -20.22 17.75
CA ALA B 706 25.02 -21.42 16.92
C ALA B 706 23.75 -21.44 16.07
N ALA B 707 22.74 -20.64 16.41
CA ALA B 707 21.59 -20.50 15.51
C ALA B 707 21.93 -19.59 14.33
N GLY B 708 22.68 -18.52 14.60
CA GLY B 708 23.06 -17.61 13.54
C GLY B 708 23.97 -18.23 12.50
N TYR B 709 24.91 -19.09 12.93
CA TYR B 709 25.79 -19.77 11.98
C TYR B 709 25.01 -20.74 11.10
N ILE B 710 24.08 -21.50 11.67
CA ILE B 710 23.29 -22.44 10.88
C ILE B 710 22.43 -21.70 9.88
N ASP B 711 21.80 -20.60 10.31
CA ASP B 711 20.96 -19.83 9.40
C ASP B 711 21.81 -19.14 8.33
N ARG B 712 23.03 -18.68 8.67
CA ARG B 712 23.90 -17.99 7.72
C ARG B 712 24.78 -18.94 6.91
N LEU B 713 24.40 -20.21 6.81
CA LEU B 713 25.09 -21.16 5.96
C LEU B 713 24.16 -21.80 4.95
N LEU B 714 22.84 -21.70 5.16
CA LEU B 714 21.86 -22.31 4.29
C LEU B 714 21.18 -21.22 3.45
N LEU B 715 20.29 -20.43 4.07
CA LEU B 715 19.52 -19.42 3.33
C LEU B 715 20.42 -18.32 2.76
N GLY B 716 21.39 -17.85 3.52
CA GLY B 716 22.24 -16.77 3.08
C GLY B 716 22.47 -15.77 4.18
N ASP B 717 22.95 -14.59 3.77
CA ASP B 717 23.13 -13.45 4.66
C ASP B 717 22.39 -12.23 4.14
N ASP B 718 22.00 -12.23 2.87
CA ASP B 718 21.21 -11.19 2.23
C ASP B 718 19.72 -11.45 2.36
N HIS B 719 19.33 -12.70 2.61
CA HIS B 719 17.94 -13.10 2.79
C HIS B 719 17.51 -13.07 4.25
N LEU B 720 18.11 -12.19 5.06
CA LEU B 720 17.81 -12.05 6.47
C LEU B 720 17.42 -10.63 6.83
N TYR B 721 16.81 -10.53 8.00
CA TYR B 721 16.29 -9.26 8.51
C TYR B 721 17.48 -8.39 8.89
N GLN B 722 17.55 -7.19 8.29
CA GLN B 722 18.77 -6.39 8.34
C GLN B 722 19.01 -5.77 9.71
N HIS B 723 17.97 -5.20 10.32
CA HIS B 723 18.11 -4.39 11.53
C HIS B 723 17.38 -4.99 12.71
N PRO B 724 18.07 -5.74 13.58
CA PRO B 724 17.41 -6.39 14.71
C PRO B 724 17.13 -5.40 15.85
N SER B 725 16.40 -5.91 16.84
CA SER B 725 16.01 -5.08 17.99
C SER B 725 17.19 -4.76 18.88
N SER B 726 18.21 -5.63 18.91
CA SER B 726 19.35 -5.46 19.82
C SER B 726 20.27 -4.32 19.41
N ALA B 727 20.10 -3.77 18.21
CA ALA B 727 21.08 -2.85 17.63
C ALA B 727 21.14 -1.52 18.38
N VAL B 728 19.99 -1.03 18.88
CA VAL B 728 19.92 0.35 19.39
C VAL B 728 20.72 0.51 20.68
N LEU B 729 20.75 -0.51 21.55
CA LEU B 729 21.51 -0.42 22.78
C LEU B 729 22.86 -1.13 22.70
N TYR B 730 22.90 -2.34 22.13
CA TYR B 730 24.09 -3.17 22.15
C TYR B 730 25.04 -2.91 20.98
N HIS B 731 24.59 -2.17 19.95
CA HIS B 731 25.38 -1.73 18.80
C HIS B 731 26.00 -2.90 18.01
N THR B 732 25.13 -3.77 17.49
CA THR B 732 25.56 -4.91 16.70
C THR B 732 25.37 -4.60 15.22
N GLU B 733 26.45 -4.74 14.44
CA GLU B 733 26.37 -4.49 13.00
C GLU B 733 25.73 -5.66 12.24
N VAL B 734 26.03 -6.90 12.64
CA VAL B 734 25.67 -8.06 11.84
C VAL B 734 24.17 -8.35 11.94
N ALA B 735 23.60 -8.91 10.87
CA ALA B 735 22.17 -9.13 10.77
C ALA B 735 21.73 -10.39 11.52
N TYR B 736 20.51 -10.34 12.02
CA TYR B 736 19.87 -11.47 12.69
C TYR B 736 18.40 -11.52 12.29
N ASP B 737 17.84 -12.73 12.31
CA ASP B 737 16.41 -12.89 12.07
C ASP B 737 15.74 -13.41 13.33
N PRO B 738 14.74 -12.72 13.87
CA PRO B 738 14.06 -13.21 15.08
C PRO B 738 13.30 -14.51 14.88
N GLU B 739 12.73 -14.75 13.70
CA GLU B 739 11.89 -15.92 13.45
C GLU B 739 12.46 -16.68 12.24
N GLY B 740 13.48 -17.50 12.49
CA GLY B 740 14.11 -18.22 11.39
C GLY B 740 14.16 -19.72 11.53
N ILE B 741 15.36 -20.26 11.65
CA ILE B 741 15.60 -21.70 11.78
C ILE B 741 16.19 -21.93 13.16
N LEU B 742 15.91 -23.12 13.72
CA LEU B 742 16.32 -23.71 15.00
C LEU B 742 15.45 -23.18 16.16
N GLY B 743 14.55 -22.25 15.92
CA GLY B 743 13.56 -21.94 16.94
C GLY B 743 12.22 -22.61 16.68
N THR B 744 12.09 -23.23 15.51
CA THR B 744 10.86 -23.90 15.11
C THR B 744 10.52 -25.08 16.04
N ILE B 745 11.54 -25.73 16.59
CA ILE B 745 11.37 -26.87 17.50
C ILE B 745 10.61 -26.46 18.76
N ASN B 746 10.97 -25.32 19.36
CA ASN B 746 10.25 -24.82 20.53
C ASN B 746 8.83 -24.42 20.20
N SER B 747 8.61 -23.87 19.00
CA SER B 747 7.25 -23.54 18.55
C SER B 747 6.40 -24.80 18.46
N ILE B 748 6.97 -25.90 17.95
CA ILE B 748 6.27 -27.18 17.89
C ILE B 748 5.95 -27.69 19.30
N VAL B 749 6.89 -27.52 20.24
CA VAL B 749 6.67 -27.97 21.61
C VAL B 749 5.51 -27.21 22.25
N MET B 750 5.44 -25.90 22.04
CA MET B 750 4.37 -25.12 22.68
C MET B 750 3.02 -25.37 22.00
N ALA B 751 3.01 -25.60 20.68
CA ALA B 751 1.78 -26.00 20.01
C ALA B 751 1.29 -27.36 20.51
N PHE B 752 2.22 -28.27 20.83
CA PHE B 752 1.83 -29.55 21.42
C PHE B 752 1.23 -29.36 22.82
N LEU B 753 1.74 -28.39 23.58
CA LEU B 753 1.14 -28.06 24.87
C LEU B 753 -0.30 -27.55 24.71
N GLY B 754 -0.53 -26.71 23.69
CA GLY B 754 -1.89 -26.29 23.39
C GLY B 754 -2.81 -27.45 23.00
N VAL B 755 -2.25 -28.41 22.26
CA VAL B 755 -2.99 -29.63 21.90
C VAL B 755 -3.36 -30.40 23.17
N GLN B 756 -2.44 -30.44 24.14
CA GLN B 756 -2.68 -31.12 25.42
C GLN B 756 -3.82 -30.46 26.18
N ALA B 757 -3.89 -29.12 26.16
CA ALA B 757 -5.02 -28.41 26.79
C ALA B 757 -6.35 -28.75 26.11
N GLY B 758 -6.34 -28.80 24.77
CA GLY B 758 -7.55 -29.17 24.03
C GLY B 758 -8.03 -30.58 24.32
N LYS B 759 -7.10 -31.53 24.49
CA LYS B 759 -7.47 -32.88 24.88
C LYS B 759 -8.14 -32.92 26.25
N ILE B 760 -7.65 -32.11 27.19
CA ILE B 760 -8.25 -32.00 28.52
C ILE B 760 -9.69 -31.52 28.45
N LEU B 761 -9.96 -30.49 27.62
CA LEU B 761 -11.34 -29.96 27.55
C LEU B 761 -12.37 -30.96 27.04
N LEU B 762 -12.06 -31.74 26.00
CA LEU B 762 -13.03 -32.74 25.49
C LEU B 762 -13.03 -34.07 26.22
N TYR B 763 -11.96 -34.48 26.87
CA TYR B 763 -12.01 -35.76 27.59
C TYR B 763 -12.86 -35.65 28.86
N TYR B 764 -12.71 -34.58 29.64
CA TYR B 764 -13.23 -34.55 30.99
C TYR B 764 -14.38 -33.56 31.18
N LYS B 765 -15.23 -33.35 30.17
CA LYS B 765 -16.19 -32.26 30.23
C LYS B 765 -17.53 -32.67 30.84
N ALA B 766 -17.53 -33.63 31.77
CA ALA B 766 -18.72 -33.87 32.58
C ALA B 766 -18.72 -33.02 33.85
N ARG B 767 -17.63 -33.06 34.62
CA ARG B 767 -17.50 -32.30 35.85
C ARG B 767 -16.56 -31.12 35.64
N THR B 768 -16.97 -29.95 36.10
CA THR B 768 -16.15 -28.75 35.97
C THR B 768 -14.92 -28.84 36.88
N LYS B 769 -15.09 -29.43 38.07
CA LYS B 769 -14.04 -29.52 39.08
C LYS B 769 -12.80 -30.25 38.57
N ASP B 770 -13.00 -31.30 37.76
CA ASP B 770 -11.90 -32.09 37.23
C ASP B 770 -10.98 -31.25 36.32
N ILE B 771 -11.58 -30.51 35.39
CA ILE B 771 -10.86 -29.66 34.43
C ILE B 771 -10.05 -28.60 35.15
N LEU B 772 -10.62 -28.02 36.21
CA LEU B 772 -9.91 -27.01 37.00
C LEU B 772 -8.68 -27.61 37.69
N ILE B 773 -8.79 -28.85 38.19
CA ILE B 773 -7.67 -29.51 38.84
C ILE B 773 -6.53 -29.77 37.87
N ARG B 774 -6.84 -30.27 36.66
CA ARG B 774 -5.78 -30.45 35.65
C ARG B 774 -5.13 -29.13 35.23
N PHE B 775 -5.93 -28.07 35.04
CA PHE B 775 -5.36 -26.77 34.67
C PHE B 775 -4.46 -26.22 35.77
N THR B 776 -4.88 -26.36 37.04
CA THR B 776 -4.08 -25.90 38.16
C THR B 776 -2.75 -26.65 38.25
N ALA B 777 -2.80 -27.98 38.14
CA ALA B 777 -1.58 -28.78 38.29
C ALA B 777 -0.59 -28.52 37.16
N TRP B 778 -1.10 -28.38 35.92
CA TRP B 778 -0.22 -28.11 34.79
C TRP B 778 0.42 -26.73 34.91
N CYS B 779 -0.36 -25.73 35.37
CA CYS B 779 0.19 -24.39 35.57
C CYS B 779 1.27 -24.37 36.63
N CYS B 780 1.05 -25.07 37.76
CA CYS B 780 2.06 -25.08 38.82
C CYS B 780 3.35 -25.78 38.40
N ILE B 781 3.24 -26.91 37.67
CA ILE B 781 4.47 -27.62 37.30
C ILE B 781 5.27 -26.83 36.26
N LEU B 782 4.59 -26.18 35.29
CA LEU B 782 5.34 -25.39 34.30
C LEU B 782 5.93 -24.13 34.94
N GLY B 783 5.22 -23.51 35.89
CA GLY B 783 5.79 -22.37 36.59
C GLY B 783 7.01 -22.74 37.41
N LEU B 784 6.98 -23.95 38.01
CA LEU B 784 8.13 -24.39 38.81
C LEU B 784 9.36 -24.64 37.95
N ILE B 785 9.20 -25.27 36.78
CA ILE B 785 10.36 -25.47 35.90
C ILE B 785 10.88 -24.14 35.36
N SER B 786 9.99 -23.19 35.02
CA SER B 786 10.49 -21.92 34.49
C SER B 786 11.15 -21.07 35.56
N VAL B 787 10.75 -21.23 36.82
CA VAL B 787 11.46 -20.57 37.93
C VAL B 787 12.83 -21.20 38.10
N ALA B 788 12.90 -22.54 38.07
CA ALA B 788 14.15 -23.23 38.34
C ALA B 788 15.18 -22.93 37.25
N LEU B 789 14.76 -22.88 35.99
CA LEU B 789 15.68 -22.55 34.91
C LEU B 789 16.09 -21.08 34.93
N THR B 790 15.14 -20.17 35.21
CA THR B 790 15.47 -18.74 35.08
C THR B 790 16.34 -18.25 36.23
N LYS B 791 16.31 -18.97 37.38
CA LYS B 791 17.01 -18.65 38.63
C LYS B 791 16.53 -17.29 39.18
N VAL B 792 15.27 -16.96 38.87
CA VAL B 792 14.46 -15.79 39.28
C VAL B 792 15.25 -14.48 39.08
N SER B 793 15.91 -14.38 37.93
CA SER B 793 16.65 -13.16 37.59
C SER B 793 16.34 -12.75 36.16
N GLU B 794 17.13 -11.84 35.59
CA GLU B 794 16.92 -11.42 34.21
C GLU B 794 18.08 -11.80 33.29
N ASN B 795 19.31 -11.55 33.71
CA ASN B 795 20.48 -11.77 32.87
C ASN B 795 21.35 -12.91 33.38
N GLU B 796 20.89 -13.67 34.36
CA GLU B 796 21.66 -14.77 34.94
C GLU B 796 20.82 -16.03 34.91
N GLY B 797 21.47 -17.16 35.15
CA GLY B 797 20.84 -18.46 35.03
C GLY B 797 21.44 -19.28 33.90
N PHE B 798 21.07 -20.56 33.89
CA PHE B 798 21.61 -21.47 32.89
C PHE B 798 21.06 -21.15 31.51
N ILE B 799 19.74 -20.96 31.39
CA ILE B 799 19.11 -20.47 30.17
C ILE B 799 18.27 -19.24 30.52
N PRO B 800 18.61 -18.06 30.03
CA PRO B 800 17.76 -16.89 30.28
C PRO B 800 16.57 -16.85 29.33
N VAL B 801 15.61 -16.00 29.66
CA VAL B 801 14.41 -15.82 28.87
C VAL B 801 14.68 -14.79 27.78
N ASN B 802 14.53 -15.20 26.52
CA ASN B 802 14.87 -14.35 25.39
C ASN B 802 13.88 -14.67 24.27
N LYS B 803 13.31 -13.62 23.67
CA LYS B 803 12.39 -13.83 22.55
C LYS B 803 13.15 -14.23 21.28
N ASN B 804 14.32 -13.64 21.06
CA ASN B 804 15.03 -13.80 19.79
C ASN B 804 15.54 -15.22 19.59
N LEU B 805 15.98 -15.88 20.66
CA LEU B 805 16.44 -17.26 20.57
C LEU B 805 15.34 -18.29 20.77
N TRP B 806 14.14 -17.86 21.18
CA TRP B 806 13.00 -18.72 21.52
C TRP B 806 13.37 -19.77 22.55
N SER B 807 13.70 -19.30 23.75
CA SER B 807 14.22 -20.15 24.81
C SER B 807 13.15 -21.10 25.35
N LEU B 808 13.61 -22.25 25.86
CA LEU B 808 12.76 -23.13 26.64
C LEU B 808 12.14 -22.44 27.85
N SER B 809 12.91 -21.53 28.47
CA SER B 809 12.37 -20.71 29.56
C SER B 809 11.22 -19.82 29.10
N TYR B 810 11.33 -19.26 27.88
CA TYR B 810 10.29 -18.38 27.34
C TYR B 810 8.96 -19.12 27.13
N VAL B 811 9.01 -20.26 26.44
CA VAL B 811 7.80 -21.04 26.20
C VAL B 811 7.27 -21.60 27.51
N THR B 812 8.16 -21.93 28.45
CA THR B 812 7.72 -22.53 29.70
C THR B 812 7.02 -21.51 30.59
N THR B 813 7.48 -20.24 30.60
CA THR B 813 6.80 -19.25 31.43
C THR B 813 5.50 -18.76 30.80
N LEU B 814 5.42 -18.60 29.47
CA LEU B 814 4.16 -18.07 28.94
C LEU B 814 3.04 -19.10 28.89
N SER B 815 3.36 -20.40 28.79
CA SER B 815 2.31 -21.41 28.79
C SER B 815 1.61 -21.51 30.15
N SER B 816 2.33 -21.25 31.23
CA SER B 816 1.72 -21.24 32.56
C SER B 816 0.74 -20.09 32.70
N PHE B 817 1.09 -18.91 32.15
CA PHE B 817 0.16 -17.78 32.12
C PHE B 817 -1.07 -18.10 31.28
N ALA B 818 -0.89 -18.82 30.17
CA ALA B 818 -2.03 -19.22 29.35
C ALA B 818 -2.95 -20.19 30.10
N PHE B 819 -2.38 -21.13 30.85
CA PHE B 819 -3.18 -22.03 31.68
C PHE B 819 -3.94 -21.27 32.77
N PHE B 820 -3.30 -20.30 33.41
CA PHE B 820 -3.98 -19.50 34.43
C PHE B 820 -5.11 -18.65 33.84
N ILE B 821 -4.88 -18.07 32.66
CA ILE B 821 -5.91 -17.22 32.03
C ILE B 821 -7.10 -18.07 31.61
N LEU B 822 -6.85 -19.27 31.07
CA LEU B 822 -7.95 -20.19 30.77
C LEU B 822 -8.67 -20.64 32.02
N LEU B 823 -7.94 -20.83 33.12
CA LEU B 823 -8.56 -21.20 34.39
C LEU B 823 -9.49 -20.11 34.91
N VAL B 824 -9.10 -18.84 34.74
CA VAL B 824 -9.97 -17.74 35.14
C VAL B 824 -11.19 -17.62 34.22
N LEU B 825 -10.99 -17.75 32.91
CA LEU B 825 -12.07 -17.45 31.97
C LEU B 825 -13.15 -18.54 31.94
N TYR B 826 -12.75 -19.81 31.99
CA TYR B 826 -13.68 -20.91 31.71
C TYR B 826 -14.90 -21.02 32.63
N PRO B 827 -14.81 -20.82 33.98
CA PRO B 827 -16.05 -20.79 34.76
C PRO B 827 -16.77 -19.45 34.77
N VAL B 828 -16.44 -18.55 33.85
CA VAL B 828 -17.14 -17.26 33.77
C VAL B 828 -17.72 -17.04 32.38
N VAL B 829 -16.87 -17.00 31.36
CA VAL B 829 -17.36 -16.67 30.01
C VAL B 829 -18.06 -17.87 29.38
N ASP B 830 -17.61 -19.09 29.67
CA ASP B 830 -18.03 -20.29 28.96
C ASP B 830 -19.11 -21.07 29.71
N VAL B 831 -18.93 -21.30 31.01
CA VAL B 831 -19.92 -21.97 31.84
C VAL B 831 -20.44 -20.97 32.87
N LYS B 832 -21.77 -20.92 33.01
CA LYS B 832 -22.50 -20.27 34.11
C LYS B 832 -22.18 -18.76 34.16
N GLY B 833 -22.71 -18.10 33.13
CA GLY B 833 -22.20 -16.80 32.71
C GLY B 833 -22.39 -15.72 33.76
N LEU B 834 -21.34 -14.94 33.97
CA LEU B 834 -21.37 -13.73 34.77
C LEU B 834 -20.93 -12.54 33.94
N TRP B 835 -20.58 -12.78 32.69
CA TRP B 835 -20.08 -11.79 31.76
C TRP B 835 -20.43 -12.37 30.40
N THR B 836 -20.77 -11.50 29.46
CA THR B 836 -21.22 -12.00 28.16
C THR B 836 -20.05 -12.10 27.21
N GLY B 837 -18.87 -11.70 27.67
CA GLY B 837 -17.67 -11.56 26.88
C GLY B 837 -17.83 -10.70 25.66
N THR B 838 -18.66 -9.62 25.70
CA THR B 838 -19.07 -8.96 24.47
C THR B 838 -17.91 -8.30 23.71
N PRO B 839 -17.04 -7.48 24.30
CA PRO B 839 -15.78 -7.22 23.59
C PRO B 839 -14.90 -8.46 23.70
N PHE B 840 -14.03 -8.62 22.69
CA PHE B 840 -12.94 -9.59 22.48
C PHE B 840 -13.31 -10.95 21.86
N PHE B 841 -14.54 -11.18 21.40
CA PHE B 841 -14.71 -12.33 20.51
C PHE B 841 -15.05 -11.89 19.10
N TYR B 842 -15.52 -10.66 18.94
CA TYR B 842 -15.79 -10.11 17.62
C TYR B 842 -14.52 -10.07 16.75
N PRO B 843 -13.32 -9.65 17.22
CA PRO B 843 -12.13 -9.93 16.41
C PRO B 843 -11.70 -11.38 16.43
N GLY B 844 -12.11 -12.15 17.44
CA GLY B 844 -11.58 -13.49 17.62
C GLY B 844 -12.00 -14.45 16.51
N MET B 845 -13.21 -14.27 15.99
CA MET B 845 -13.66 -15.11 14.90
C MET B 845 -12.87 -14.83 13.63
N ASN B 846 -12.61 -13.55 13.32
CA ASN B 846 -11.83 -13.19 12.12
C ASN B 846 -10.46 -12.68 12.53
N SER B 847 -9.45 -13.54 12.48
CA SER B 847 -8.10 -13.12 12.84
C SER B 847 -7.23 -12.78 11.64
N ILE B 848 -7.34 -13.58 10.58
CA ILE B 848 -6.51 -13.39 9.39
C ILE B 848 -6.89 -12.11 8.64
N LEU B 849 -8.17 -11.73 8.64
CA LEU B 849 -8.57 -10.47 8.02
C LEU B 849 -7.99 -9.28 8.77
N VAL B 850 -8.02 -9.32 10.10
CA VAL B 850 -7.47 -8.22 10.91
C VAL B 850 -5.96 -8.12 10.72
N TYR B 851 -5.26 -9.27 10.70
CA TYR B 851 -3.81 -9.28 10.53
C TYR B 851 -3.40 -8.72 9.17
N VAL B 852 -3.97 -9.25 8.08
CA VAL B 852 -3.66 -8.75 6.74
C VAL B 852 -4.14 -7.32 6.56
N GLY B 853 -5.24 -6.94 7.22
CA GLY B 853 -5.75 -5.59 7.13
C GLY B 853 -4.83 -4.56 7.75
N HIS B 854 -4.27 -4.84 8.93
CA HIS B 854 -3.39 -3.82 9.49
C HIS B 854 -2.01 -3.86 8.83
N GLU B 855 -1.61 -5.00 8.26
CA GLU B 855 -0.34 -5.02 7.52
C GLU B 855 -0.44 -4.25 6.20
N VAL B 856 -1.58 -4.32 5.52
CA VAL B 856 -1.72 -3.63 4.23
C VAL B 856 -2.16 -2.18 4.40
N PHE B 857 -3.10 -1.90 5.30
CA PHE B 857 -3.72 -0.58 5.42
C PHE B 857 -3.12 0.24 6.56
N GLU B 858 -1.82 0.12 6.81
CA GLU B 858 -1.23 0.73 8.01
C GLU B 858 -1.14 2.25 7.90
N ASN B 859 -0.85 2.78 6.72
CA ASN B 859 -0.62 4.21 6.57
C ASN B 859 -1.86 5.01 6.19
N TYR B 860 -3.04 4.37 6.16
CA TYR B 860 -4.22 5.04 5.64
C TYR B 860 -4.81 6.00 6.68
N PHE B 861 -5.73 6.86 6.21
CA PHE B 861 -6.14 8.05 6.97
C PHE B 861 -6.82 7.78 8.32
N PRO B 862 -7.84 6.90 8.47
CA PRO B 862 -8.44 6.77 9.81
C PRO B 862 -7.50 6.17 10.84
N PHE B 863 -6.57 5.33 10.43
CA PHE B 863 -5.61 4.75 11.37
C PHE B 863 -4.45 5.69 11.66
N GLN B 864 -3.98 6.44 10.67
CA GLN B 864 -2.81 7.29 10.86
C GLN B 864 -3.03 8.64 10.19
N TRP B 865 -2.53 9.71 10.83
CA TRP B 865 -2.57 11.05 10.24
C TRP B 865 -1.33 11.80 10.66
N LYS B 866 -1.05 12.90 9.96
CA LYS B 866 0.12 13.73 10.26
C LYS B 866 -0.02 14.41 11.62
N LEU B 867 1.07 14.40 12.37
CA LEU B 867 1.11 14.90 13.74
C LEU B 867 1.86 16.22 13.78
N LYS B 868 1.24 17.29 14.28
CA LYS B 868 1.88 18.58 14.23
C LYS B 868 2.81 18.85 15.42
N ASP B 869 2.87 17.96 16.39
CA ASP B 869 4.01 17.87 17.30
C ASP B 869 4.53 16.44 17.30
N ASN B 870 5.77 16.26 16.90
CA ASN B 870 6.36 14.93 16.74
C ASN B 870 7.07 14.42 18.00
N GLN B 871 7.15 15.21 19.06
CA GLN B 871 7.94 14.86 20.24
C GLN B 871 7.09 14.77 21.50
N SER B 872 5.91 14.16 21.40
CA SER B 872 5.08 13.95 22.57
C SER B 872 4.54 12.52 22.62
N HIS B 873 4.69 11.87 23.77
CA HIS B 873 4.11 10.55 23.98
C HIS B 873 2.59 10.66 24.01
N LYS B 874 2.13 11.74 24.62
CA LYS B 874 0.71 12.06 24.80
C LYS B 874 0.01 12.20 23.45
N GLU B 875 0.71 12.73 22.44
CA GLU B 875 0.11 13.06 21.16
C GLU B 875 -0.07 11.81 20.28
N HIS B 876 0.82 10.83 20.43
CA HIS B 876 0.79 9.53 19.74
C HIS B 876 -0.24 8.56 20.32
N LEU B 877 -0.40 8.57 21.65
CA LEU B 877 -1.17 7.55 22.36
C LEU B 877 -2.63 7.56 21.94
N THR B 878 -3.22 8.76 21.79
CA THR B 878 -4.62 8.87 21.40
C THR B 878 -4.85 8.32 20.01
N GLN B 879 -3.91 8.58 19.09
CA GLN B 879 -4.01 8.09 17.72
C GLN B 879 -3.95 6.57 17.66
N ASN B 880 -3.05 5.96 18.43
CA ASN B 880 -2.98 4.49 18.47
C ASN B 880 -4.22 3.88 19.10
N ILE B 881 -4.75 4.51 20.16
CA ILE B 881 -5.96 4.01 20.82
C ILE B 881 -7.16 4.08 19.87
N VAL B 882 -7.30 5.18 19.13
CA VAL B 882 -8.39 5.33 18.17
C VAL B 882 -8.28 4.30 17.05
N ALA B 883 -7.05 4.02 16.58
CA ALA B 883 -6.87 3.02 15.53
C ALA B 883 -7.27 1.61 16.00
N THR B 884 -6.90 1.25 17.24
CA THR B 884 -7.31 -0.04 17.80
C THR B 884 -8.83 -0.13 17.95
N ALA B 885 -9.47 0.96 18.43
CA ALA B 885 -10.93 0.97 18.58
C ALA B 885 -11.63 0.84 17.23
N LEU B 886 -11.07 1.48 16.19
CA LEU B 886 -11.66 1.35 14.86
C LEU B 886 -11.57 -0.07 14.33
N TRP B 887 -10.45 -0.77 14.59
CA TRP B 887 -10.37 -2.18 14.15
C TRP B 887 -11.36 -3.06 14.91
N VAL B 888 -11.59 -2.78 16.20
CA VAL B 888 -12.62 -3.52 16.94
C VAL B 888 -14.01 -3.25 16.35
N LEU B 889 -14.27 -2.00 15.94
CA LEU B 889 -15.56 -1.68 15.32
C LEU B 889 -15.76 -2.39 13.98
N ILE B 890 -14.71 -2.46 13.16
CA ILE B 890 -14.81 -3.18 11.88
C ILE B 890 -15.06 -4.66 12.13
N ALA B 891 -14.42 -5.23 13.15
CA ALA B 891 -14.67 -6.63 13.50
C ALA B 891 -16.11 -6.84 13.95
N TYR B 892 -16.67 -5.90 14.70
CA TYR B 892 -18.07 -5.99 15.13
C TYR B 892 -19.05 -5.93 13.96
N ILE B 893 -18.81 -5.04 12.99
CA ILE B 893 -19.69 -4.94 11.82
C ILE B 893 -19.71 -6.23 11.01
N LEU B 894 -18.55 -6.87 10.83
CA LEU B 894 -18.48 -8.13 10.10
C LEU B 894 -19.16 -9.29 10.81
N TYR B 895 -19.19 -9.28 12.16
CA TYR B 895 -19.91 -10.32 12.88
C TYR B 895 -21.41 -10.28 12.59
N ARG B 896 -22.00 -9.08 12.62
CA ARG B 896 -23.42 -8.93 12.35
C ARG B 896 -23.75 -9.27 10.90
N LYS B 897 -22.83 -8.99 9.97
CA LYS B 897 -23.05 -9.31 8.57
C LYS B 897 -22.72 -10.75 8.23
N LYS B 898 -22.22 -11.53 9.20
CA LYS B 898 -22.04 -13.00 9.11
C LYS B 898 -21.07 -13.35 7.96
N ILE B 899 -20.00 -12.57 7.84
CA ILE B 899 -18.91 -12.88 6.90
C ILE B 899 -17.72 -13.41 7.68
N PHE B 900 -17.39 -14.68 7.48
CA PHE B 900 -16.26 -15.33 8.14
C PHE B 900 -15.39 -15.98 7.07
N TRP B 901 -14.08 -15.73 7.13
CA TRP B 901 -13.15 -16.31 6.17
C TRP B 901 -12.16 -17.17 6.94
N LYS B 902 -11.85 -18.36 6.41
CA LYS B 902 -10.88 -19.27 7.01
C LYS B 902 -9.93 -19.81 5.95
N ILE B 903 -8.63 -19.56 6.14
CA ILE B 903 -7.54 -20.04 5.26
C ILE B 903 -7.63 -21.53 4.90
#